data_4WXL
#
_entry.id   4WXL
#
_cell.length_a   41.201
_cell.length_b   79.850
_cell.length_c   98.168
_cell.angle_alpha   90.00
_cell.angle_beta   97.99
_cell.angle_gamma   90.00
#
_symmetry.space_group_name_H-M   'P 1 21 1'
#
loop_
_entity.id
_entity.type
_entity.pdbx_description
1 polymer 'Peptide deformylase'
2 non-polymer 'NICKEL (II) ION'
3 non-polymer ACTINONIN
4 water water
#
_entity_poly.entity_id   1
_entity_poly.type   'polypeptide(L)'
_entity_poly.pdbx_seq_one_letter_code
;MTALNVLIYPDDHLKVVCEPVTEVNDAIRKIVDDMFDTMYQEKGIGLAAPQVDILQRIITIDVEGDKQNQFVLINPEILA
SEGETGIEEGCLSIPGFRALVPRKEKVTVRALDRDGKEFTLDADGLLAICIQHEIDHLNGILFVDYLSPLKRQRIKEKLI
KYKKQIAKS
;
_entity_poly.pdbx_strand_id   A,B,C,D
#
loop_
_chem_comp.id
_chem_comp.type
_chem_comp.name
_chem_comp.formula
BB2 non-polymer ACTINONIN 'C19 H35 N3 O5'
NI non-polymer 'NICKEL (II) ION' 'Ni 2'
#
# COMPACT_ATOMS: atom_id res chain seq x y z
N ALA A 3 -3.49 18.90 -9.76
CA ALA A 3 -2.99 17.88 -10.74
C ALA A 3 -1.45 17.95 -10.84
N LEU A 4 -0.77 18.33 -9.74
CA LEU A 4 0.70 18.45 -9.68
C LEU A 4 1.35 17.11 -9.94
N ASN A 5 2.51 17.12 -10.58
CA ASN A 5 3.16 15.86 -10.89
C ASN A 5 4.08 15.42 -9.79
N VAL A 6 4.12 14.13 -9.62
CA VAL A 6 4.94 13.53 -8.60
C VAL A 6 6.33 13.27 -9.15
N LEU A 7 7.36 13.67 -8.42
CA LEU A 7 8.73 13.31 -8.81
C LEU A 7 8.92 11.80 -8.68
N ILE A 8 9.66 11.24 -9.65
CA ILE A 8 10.00 9.83 -9.68
C ILE A 8 11.49 9.62 -9.36
N TYR A 9 11.80 8.69 -8.47
CA TYR A 9 13.20 8.39 -8.11
C TYR A 9 13.90 7.79 -9.33
N PRO A 10 15.16 8.15 -9.61
CA PRO A 10 16.00 9.12 -8.90
C PRO A 10 15.64 10.55 -9.29
N ASP A 11 15.55 11.41 -8.28
CA ASP A 11 15.52 12.82 -8.54
C ASP A 11 16.16 13.62 -7.42
N ASP A 12 17.09 14.48 -7.78
CA ASP A 12 17.80 15.36 -6.84
C ASP A 12 16.89 15.97 -5.79
N HIS A 13 15.68 16.35 -6.17
CA HIS A 13 14.81 17.03 -5.23
C HIS A 13 14.07 16.11 -4.29
N LEU A 14 14.16 14.81 -4.54
CA LEU A 14 13.67 13.84 -3.58
C LEU A 14 14.73 13.66 -2.45
N LYS A 15 15.90 14.30 -2.60
CA LYS A 15 16.98 14.11 -1.64
C LYS A 15 17.39 15.45 -1.07
N VAL A 16 16.40 16.30 -0.85
CA VAL A 16 16.64 17.59 -0.31
C VAL A 16 15.95 17.74 1.05
N VAL A 17 16.71 18.28 2.00
CA VAL A 17 16.21 18.67 3.27
C VAL A 17 15.41 19.96 3.14
N CYS A 18 14.12 19.91 3.44
CA CYS A 18 13.21 20.98 3.10
C CYS A 18 13.20 22.07 4.15
N GLU A 19 13.00 23.32 3.72
CA GLU A 19 13.01 24.44 4.67
CA GLU A 19 12.96 24.49 4.61
C GLU A 19 11.66 24.56 5.38
N PRO A 20 11.71 24.98 6.66
CA PRO A 20 10.48 25.23 7.42
C PRO A 20 9.62 26.24 6.73
N VAL A 21 8.31 26.03 6.72
CA VAL A 21 7.35 27.04 6.30
C VAL A 21 7.46 28.16 7.34
N THR A 22 7.68 29.40 6.93
CA THR A 22 7.78 30.48 7.91
C THR A 22 6.44 31.10 8.23
N GLU A 23 5.41 30.82 7.45
CA GLU A 23 4.18 31.60 7.45
C GLU A 23 3.05 30.79 6.83
N VAL A 24 2.13 30.31 7.65
CA VAL A 24 1.06 29.46 7.14
C VAL A 24 -0.05 30.31 6.59
N ASN A 25 0.09 30.72 5.33
CA ASN A 25 -0.79 31.69 4.71
C ASN A 25 -1.60 31.03 3.63
N ASP A 26 -2.34 31.84 2.87
CA ASP A 26 -3.26 31.32 1.85
C ASP A 26 -2.55 30.52 0.74
N ALA A 27 -1.33 30.92 0.43
CA ALA A 27 -0.51 30.25 -0.55
C ALA A 27 -0.11 28.82 -0.08
N ILE A 28 0.21 28.70 1.20
CA ILE A 28 0.53 27.43 1.80
C ILE A 28 -0.73 26.58 1.81
N ARG A 29 -1.89 27.21 2.01
CA ARG A 29 -3.13 26.48 2.00
C ARG A 29 -3.48 25.99 0.61
N LYS A 30 -3.24 26.79 -0.39
CA LYS A 30 -3.41 26.36 -1.77
C LYS A 30 -2.51 25.17 -2.03
N ILE A 31 -1.28 25.20 -1.55
CA ILE A 31 -0.36 24.10 -1.80
C ILE A 31 -0.88 22.81 -1.14
N VAL A 32 -1.37 22.97 0.08
CA VAL A 32 -2.00 21.86 0.79
C VAL A 32 -3.14 21.20 -0.04
N ASP A 33 -3.99 22.04 -0.60
CA ASP A 33 -5.17 21.54 -1.32
C ASP A 33 -4.69 20.85 -2.59
N ASP A 34 -3.70 21.45 -3.25
CA ASP A 34 -3.10 20.82 -4.43
C ASP A 34 -2.47 19.48 -4.05
N MET A 35 -1.83 19.41 -2.88
CA MET A 35 -1.19 18.18 -2.48
C MET A 35 -2.26 17.09 -2.30
N PHE A 36 -3.33 17.42 -1.58
CA PHE A 36 -4.43 16.45 -1.37
C PHE A 36 -4.97 15.96 -2.69
N ASP A 37 -5.16 16.89 -3.63
CA ASP A 37 -5.67 16.53 -4.97
C ASP A 37 -4.80 15.49 -5.67
N THR A 38 -3.51 15.71 -5.62
CA THR A 38 -2.52 14.82 -6.20
C THR A 38 -2.49 13.47 -5.50
N MET A 39 -2.42 13.52 -4.17
CA MET A 39 -2.51 12.32 -3.35
C MET A 39 -3.76 11.53 -3.73
N TYR A 40 -4.90 12.20 -3.88
CA TYR A 40 -6.12 11.45 -4.16
C TYR A 40 -6.08 10.87 -5.58
N GLN A 41 -5.66 11.70 -6.53
CA GLN A 41 -5.55 11.34 -7.93
C GLN A 41 -4.66 10.16 -8.09
N GLU A 42 -3.52 10.18 -7.37
CA GLU A 42 -2.53 9.11 -7.45
C GLU A 42 -2.79 7.96 -6.48
N LYS A 43 -3.89 8.00 -5.72
CA LYS A 43 -4.28 6.88 -4.86
C LYS A 43 -3.20 6.62 -3.79
N GLY A 44 -2.57 7.67 -3.28
CA GLY A 44 -1.68 7.56 -2.11
C GLY A 44 -2.40 7.84 -0.80
N ILE A 45 -1.79 7.44 0.30
CA ILE A 45 -2.36 7.73 1.60
C ILE A 45 -1.58 8.81 2.30
N GLY A 46 -0.38 9.08 1.81
CA GLY A 46 0.40 10.23 2.27
C GLY A 46 1.20 10.90 1.18
N LEU A 47 1.69 12.09 1.45
CA LEU A 47 2.45 12.81 0.45
C LEU A 47 3.20 13.92 1.15
N ALA A 48 4.46 14.06 0.76
CA ALA A 48 5.34 15.11 1.27
C ALA A 48 5.60 16.10 0.14
N ALA A 49 5.67 17.39 0.48
CA ALA A 49 5.82 18.45 -0.50
C ALA A 49 6.94 18.24 -1.57
N PRO A 50 8.09 17.69 -1.14
CA PRO A 50 9.14 17.48 -2.12
C PRO A 50 8.75 16.56 -3.26
N GLN A 51 7.85 15.62 -3.00
CA GLN A 51 7.41 14.69 -4.01
C GLN A 51 6.64 15.42 -5.12
N VAL A 52 6.14 16.61 -4.81
CA VAL A 52 5.59 17.47 -5.86
C VAL A 52 6.49 18.65 -6.06
N ASP A 53 7.74 18.49 -5.67
CA ASP A 53 8.79 19.43 -6.03
C ASP A 53 8.65 20.75 -5.30
N ILE A 54 8.03 20.70 -4.13
CA ILE A 54 7.94 21.91 -3.27
C ILE A 54 8.74 21.68 -1.99
N LEU A 55 9.89 22.33 -1.91
CA LEU A 55 10.91 22.00 -0.93
C LEU A 55 10.68 22.67 0.42
N GLN A 56 9.52 22.39 1.01
CA GLN A 56 9.12 22.91 2.31
C GLN A 56 8.47 21.79 3.16
N ARG A 57 8.37 22.02 4.46
CA ARG A 57 8.07 21.00 5.42
C ARG A 57 6.60 20.96 5.61
N ILE A 58 5.95 20.34 4.61
CA ILE A 58 4.49 20.18 4.54
C ILE A 58 4.15 18.75 4.19
N ILE A 59 3.33 18.14 5.01
CA ILE A 59 2.87 16.76 4.79
C ILE A 59 1.34 16.70 4.79
N THR A 60 0.77 15.92 3.85
CA THR A 60 -0.67 15.59 3.81
C THR A 60 -0.86 14.09 3.97
N ILE A 61 -1.74 13.69 4.89
CA ILE A 61 -2.10 12.26 5.06
C ILE A 61 -3.64 12.02 5.10
N ASP A 62 -4.06 10.86 4.63
CA ASP A 62 -5.47 10.39 4.70
C ASP A 62 -5.43 8.93 4.47
N VAL A 63 -5.44 8.17 5.56
CA VAL A 63 -5.26 6.75 5.47
C VAL A 63 -6.49 6.13 4.77
N GLU A 64 -7.70 6.53 5.14
CA GLU A 64 -8.86 5.84 4.53
C GLU A 64 -9.16 6.26 3.14
N GLY A 65 -8.91 7.54 2.89
CA GLY A 65 -8.98 8.06 1.57
C GLY A 65 -10.34 8.66 1.31
N ASP A 66 -11.26 8.54 2.26
CA ASP A 66 -12.60 9.15 2.08
C ASP A 66 -12.65 10.60 2.55
N LYS A 67 -11.50 11.21 2.87
CA LYS A 67 -11.43 12.60 3.32
C LYS A 67 -12.11 12.90 4.65
N GLN A 68 -12.57 11.91 5.38
CA GLN A 68 -13.11 12.14 6.72
C GLN A 68 -12.03 12.58 7.72
N ASN A 69 -10.84 12.03 7.58
CA ASN A 69 -9.77 12.28 8.54
C ASN A 69 -8.50 12.63 7.88
N GLN A 70 -8.49 13.83 7.35
CA GLN A 70 -7.35 14.41 6.68
C GLN A 70 -6.43 14.95 7.75
N PHE A 71 -5.13 14.75 7.56
CA PHE A 71 -4.10 15.32 8.40
C PHE A 71 -3.14 16.17 7.55
N VAL A 72 -2.97 17.39 8.03
CA VAL A 72 -2.03 18.32 7.51
C VAL A 72 -0.98 18.54 8.58
N LEU A 73 0.28 18.29 8.21
CA LEU A 73 1.38 18.41 9.16
C LEU A 73 2.38 19.39 8.62
N ILE A 74 2.33 20.62 9.15
CA ILE A 74 3.28 21.62 8.80
C ILE A 74 4.37 21.78 9.87
N ASN A 75 5.61 21.87 9.40
CA ASN A 75 6.81 21.88 10.24
C ASN A 75 6.77 20.88 11.38
N PRO A 76 6.60 19.60 11.06
CA PRO A 76 6.44 18.56 12.05
C PRO A 76 7.73 18.20 12.78
N GLU A 77 7.59 17.79 14.02
CA GLU A 77 8.69 17.28 14.81
C GLU A 77 8.11 16.14 15.59
N ILE A 78 8.82 15.03 15.58
CA ILE A 78 8.47 13.90 16.40
C ILE A 78 8.92 14.23 17.79
N LEU A 79 7.98 14.24 18.71
CA LEU A 79 8.31 14.54 20.07
C LEU A 79 8.91 13.32 20.72
N ALA A 80 8.35 12.16 20.41
CA ALA A 80 8.84 10.92 20.98
C ALA A 80 8.26 9.74 20.26
N SER A 81 8.89 8.59 20.43
CA SER A 81 8.51 7.39 19.73
C SER A 81 9.11 6.16 20.37
N GLU A 82 8.40 5.04 20.22
CA GLU A 82 8.83 3.78 20.81
C GLU A 82 8.16 2.59 20.16
N GLY A 83 8.73 1.42 20.43
CA GLY A 83 8.25 0.19 19.85
C GLY A 83 9.00 -0.02 18.55
N GLU A 84 8.60 -1.09 17.88
CA GLU A 84 9.15 -1.50 16.56
C GLU A 84 8.05 -2.14 15.72
N THR A 85 8.16 -1.95 14.42
CA THR A 85 7.28 -2.59 13.44
C THR A 85 8.00 -2.46 12.15
N GLY A 86 7.32 -2.90 11.12
CA GLY A 86 7.68 -2.52 9.78
C GLY A 86 6.63 -3.13 8.92
N ILE A 87 6.34 -2.48 7.82
CA ILE A 87 5.51 -3.09 6.80
C ILE A 87 6.23 -2.88 5.47
N GLU A 88 5.99 -3.75 4.52
CA GLU A 88 6.58 -3.53 3.21
C GLU A 88 5.93 -2.21 2.77
N GLU A 89 6.76 -1.17 2.73
CA GLU A 89 6.34 0.19 2.42
C GLU A 89 6.55 0.47 0.94
N GLY A 90 5.56 1.12 0.32
CA GLY A 90 5.62 1.68 -1.03
C GLY A 90 5.64 3.21 -0.99
N CYS A 91 5.90 3.83 -2.14
CA CYS A 91 5.96 5.27 -2.21
C CYS A 91 5.54 5.66 -3.62
N LEU A 92 4.76 6.73 -3.76
CA LEU A 92 4.34 7.23 -5.06
C LEU A 92 5.53 7.71 -5.85
N SER A 93 6.58 8.13 -5.15
CA SER A 93 7.78 8.58 -5.84
C SER A 93 8.70 7.41 -6.19
N ILE A 94 8.41 6.22 -5.65
CA ILE A 94 9.12 4.98 -6.03
C ILE A 94 8.13 3.90 -6.50
N PRO A 95 7.48 4.15 -7.66
CA PRO A 95 6.36 3.34 -8.08
C PRO A 95 6.72 1.88 -8.39
N GLY A 96 5.88 0.95 -7.93
CA GLY A 96 6.01 -0.47 -8.23
C GLY A 96 6.84 -1.28 -7.22
N PHE A 97 7.46 -0.60 -6.25
CA PHE A 97 8.40 -1.26 -5.35
C PHE A 97 8.03 -1.02 -3.90
N ARG A 98 8.18 -2.08 -3.12
CA ARG A 98 7.96 -1.97 -1.67
C ARG A 98 9.00 -2.77 -0.92
N ALA A 99 9.25 -2.36 0.33
CA ALA A 99 10.23 -3.01 1.17
C ALA A 99 10.01 -2.70 2.65
N LEU A 100 10.40 -3.64 3.49
CA LEU A 100 10.19 -3.51 4.90
C LEU A 100 11.20 -2.53 5.40
N VAL A 101 10.75 -1.59 6.21
CA VAL A 101 11.61 -0.59 6.76
C VAL A 101 11.45 -0.67 8.29
N PRO A 102 12.57 -0.76 9.01
CA PRO A 102 12.46 -0.67 10.46
C PRO A 102 11.91 0.70 10.93
N ARG A 103 10.75 0.67 11.59
CA ARG A 103 10.05 1.84 12.11
C ARG A 103 9.72 1.74 13.62
N LYS A 104 9.46 2.87 14.25
CA LYS A 104 8.90 2.87 15.57
C LYS A 104 7.44 2.57 15.40
N GLU A 105 6.88 1.87 16.39
CA GLU A 105 5.49 1.45 16.35
C GLU A 105 4.50 2.59 16.65
N LYS A 106 4.93 3.52 17.50
CA LYS A 106 4.05 4.55 18.04
C LYS A 106 4.84 5.83 18.06
N VAL A 107 4.15 6.94 17.85
CA VAL A 107 4.81 8.19 17.62
C VAL A 107 3.92 9.29 18.17
N THR A 108 4.55 10.37 18.61
CA THR A 108 3.86 11.60 18.98
C THR A 108 4.53 12.70 18.21
N VAL A 109 3.79 13.34 17.32
CA VAL A 109 4.23 14.52 16.57
C VAL A 109 3.48 15.78 16.94
N ARG A 110 4.23 16.86 16.90
CA ARG A 110 3.73 18.20 16.87
C ARG A 110 4.03 18.79 15.48
N ALA A 111 3.12 19.67 15.05
CA ALA A 111 3.09 20.28 13.74
C ALA A 111 2.07 21.41 13.75
N LEU A 112 2.07 22.18 12.66
CA LEU A 112 1.08 23.21 12.47
C LEU A 112 0.05 22.64 11.55
N ASP A 113 -1.21 22.97 11.81
CA ASP A 113 -2.30 22.59 10.96
C ASP A 113 -2.45 23.63 9.82
N ARG A 114 -3.44 23.35 8.98
CA ARG A 114 -3.85 24.18 7.86
C ARG A 114 -4.06 25.70 8.13
N ASP A 115 -4.39 26.08 9.37
CA ASP A 115 -4.45 27.51 9.71
C ASP A 115 -3.32 27.90 10.66
N GLY A 116 -2.25 27.12 10.70
CA GLY A 116 -1.07 27.48 11.49
C GLY A 116 -1.25 27.36 12.98
N LYS A 117 -2.19 26.56 13.42
CA LYS A 117 -2.41 26.36 14.84
C LYS A 117 -1.65 25.10 15.17
N GLU A 118 -0.84 25.18 16.21
CA GLU A 118 -0.14 24.03 16.73
C GLU A 118 -1.08 22.88 17.18
N PHE A 119 -0.65 21.66 17.00
CA PHE A 119 -1.37 20.51 17.55
C PHE A 119 -0.39 19.40 17.89
N THR A 120 -0.80 18.48 18.74
CA THR A 120 -0.01 17.29 18.96
C THR A 120 -0.84 16.11 18.57
N LEU A 121 -0.22 15.14 17.93
CA LEU A 121 -0.90 13.93 17.50
C LEU A 121 -0.10 12.73 17.97
N ASP A 122 -0.82 11.78 18.58
CA ASP A 122 -0.28 10.47 18.91
C ASP A 122 -0.74 9.48 17.85
N ALA A 123 0.16 8.60 17.38
CA ALA A 123 -0.21 7.72 16.30
C ALA A 123 0.44 6.37 16.46
N ASP A 124 -0.30 5.33 16.09
CA ASP A 124 0.28 4.01 15.91
C ASP A 124 -0.16 3.40 14.57
N GLY A 125 0.18 2.12 14.40
CA GLY A 125 -0.23 1.38 13.24
C GLY A 125 0.25 2.06 11.97
N LEU A 126 -0.61 2.06 10.97
CA LEU A 126 -0.22 2.50 9.65
C LEU A 126 0.06 3.97 9.73
N LEU A 127 -0.76 4.69 10.49
CA LEU A 127 -0.66 6.12 10.57
C LEU A 127 0.74 6.50 11.06
N ALA A 128 1.16 5.86 12.13
CA ALA A 128 2.48 6.16 12.66
C ALA A 128 3.57 5.94 11.64
N ILE A 129 3.40 4.91 10.79
CA ILE A 129 4.40 4.53 9.78
C ILE A 129 4.49 5.56 8.68
N CYS A 130 3.31 5.97 8.23
CA CYS A 130 3.21 7.03 7.22
CA CYS A 130 3.16 7.01 7.26
C CYS A 130 3.82 8.31 7.76
N ILE A 131 3.50 8.68 8.98
CA ILE A 131 4.14 9.90 9.51
C ILE A 131 5.66 9.83 9.41
N GLN A 132 6.25 8.70 9.81
CA GLN A 132 7.75 8.57 9.75
C GLN A 132 8.27 8.66 8.30
N HIS A 133 7.62 7.94 7.40
CA HIS A 133 7.95 7.92 5.96
C HIS A 133 7.87 9.32 5.38
N GLU A 134 6.79 10.03 5.66
CA GLU A 134 6.64 11.38 5.14
C GLU A 134 7.62 12.34 5.76
N ILE A 135 7.87 12.26 7.07
CA ILE A 135 8.89 13.16 7.67
C ILE A 135 10.25 12.81 7.10
N ASP A 136 10.49 11.52 6.81
CA ASP A 136 11.74 11.13 6.07
C ASP A 136 11.91 11.85 4.72
N HIS A 137 10.84 12.04 3.99
CA HIS A 137 10.93 12.78 2.74
C HIS A 137 11.38 14.21 2.99
N LEU A 138 10.91 14.77 4.11
CA LEU A 138 11.28 16.14 4.45
C LEU A 138 12.76 16.28 4.81
N ASN A 139 13.42 15.17 5.19
CA ASN A 139 14.87 15.21 5.41
C ASN A 139 15.58 14.59 4.23
N GLY A 140 14.89 14.54 3.10
CA GLY A 140 15.53 13.99 1.89
C GLY A 140 15.90 12.54 1.98
N ILE A 141 15.10 11.78 2.73
CA ILE A 141 15.28 10.36 2.91
C ILE A 141 14.11 9.56 2.36
N LEU A 142 14.45 8.49 1.63
CA LEU A 142 13.45 7.60 0.96
C LEU A 142 13.58 6.22 1.55
N PHE A 143 12.55 5.40 1.34
CA PHE A 143 12.59 4.09 1.94
C PHE A 143 13.72 3.25 1.40
N VAL A 144 14.10 3.46 0.15
CA VAL A 144 15.21 2.68 -0.41
C VAL A 144 16.55 2.93 0.24
N ASP A 145 16.66 4.02 1.00
CA ASP A 145 17.93 4.31 1.70
C ASP A 145 18.16 3.45 2.93
N TYR A 146 17.14 2.74 3.39
CA TYR A 146 17.31 1.75 4.42
C TYR A 146 17.69 0.40 3.85
N LEU A 147 17.70 0.22 2.53
CA LEU A 147 17.99 -1.06 1.91
C LEU A 147 19.46 -1.23 1.66
N SER A 148 19.90 -2.45 1.37
CA SER A 148 21.25 -2.69 0.92
C SER A 148 21.48 -1.86 -0.33
N PRO A 149 22.71 -1.36 -0.53
CA PRO A 149 22.95 -0.53 -1.72
C PRO A 149 22.67 -1.29 -2.99
N LEU A 150 22.84 -2.58 -2.92
CA LEU A 150 22.57 -3.47 -4.03
C LEU A 150 21.05 -3.45 -4.46
N LYS A 151 20.16 -3.61 -3.48
CA LYS A 151 18.74 -3.50 -3.75
C LYS A 151 18.37 -2.06 -4.16
N ARG A 152 18.93 -1.09 -3.47
CA ARG A 152 18.67 0.28 -3.83
C ARG A 152 19.07 0.56 -5.30
N GLN A 153 20.20 0.00 -5.70
CA GLN A 153 20.72 0.21 -7.03
C GLN A 153 19.80 -0.41 -8.07
N ARG A 154 19.24 -1.58 -7.78
CA ARG A 154 18.36 -2.25 -8.78
C ARG A 154 17.13 -1.40 -9.06
N ILE A 155 16.61 -0.81 -7.99
CA ILE A 155 15.36 -0.08 -8.04
C ILE A 155 15.63 1.20 -8.80
N LYS A 156 16.77 1.79 -8.52
CA LYS A 156 17.22 2.97 -9.23
C LYS A 156 17.31 2.70 -10.73
N GLU A 157 17.98 1.62 -11.10
CA GLU A 157 18.13 1.26 -12.52
C GLU A 157 16.79 1.06 -13.21
N LYS A 158 15.95 0.21 -12.62
CA LYS A 158 14.64 -0.07 -13.23
C LYS A 158 13.77 1.18 -13.33
N LEU A 159 13.94 2.15 -12.45
CA LEU A 159 13.13 3.37 -12.54
C LEU A 159 13.65 4.38 -13.56
N ILE A 160 14.97 4.53 -13.67
CA ILE A 160 15.55 5.35 -14.77
C ILE A 160 14.99 4.87 -16.12
N LYS A 161 14.94 3.55 -16.30
CA LYS A 161 14.30 2.95 -17.48
C LYS A 161 12.85 3.42 -17.64
N TYR A 162 12.06 3.19 -16.61
CA TYR A 162 10.67 3.61 -16.61
C TYR A 162 10.44 5.11 -16.90
N LYS A 163 11.29 5.98 -16.35
CA LYS A 163 11.18 7.42 -16.56
C LYS A 163 11.43 7.80 -18.02
N LYS A 164 12.41 7.16 -18.64
CA LYS A 164 12.62 7.30 -20.07
C LYS A 164 11.35 6.95 -20.86
N GLN A 165 10.73 5.81 -20.55
CA GLN A 165 9.47 5.44 -21.20
C GLN A 165 8.37 6.49 -21.05
N ILE A 166 8.31 7.14 -19.90
CA ILE A 166 7.30 8.20 -19.68
C ILE A 166 7.57 9.40 -20.62
N ASN B 5 -39.15 -15.22 -13.06
CA ASN B 5 -38.58 -16.30 -13.93
C ASN B 5 -37.28 -16.93 -13.35
N VAL B 6 -37.24 -18.25 -13.22
CA VAL B 6 -36.13 -18.93 -12.54
C VAL B 6 -34.94 -19.09 -13.47
N LEU B 7 -33.78 -18.55 -13.07
CA LEU B 7 -32.54 -18.74 -13.81
C LEU B 7 -32.11 -20.21 -13.81
N ILE B 8 -31.56 -20.64 -14.96
CA ILE B 8 -31.04 -22.01 -15.17
C ILE B 8 -29.51 -21.99 -15.30
N TYR B 9 -28.86 -22.82 -14.52
CA TYR B 9 -27.40 -23.00 -14.54
C TYR B 9 -26.95 -23.43 -15.95
N PRO B 10 -25.83 -22.87 -16.48
CA PRO B 10 -24.95 -21.87 -15.90
C PRO B 10 -25.46 -20.45 -16.11
N ASP B 11 -25.11 -19.58 -15.16
CA ASP B 11 -25.43 -18.16 -15.23
C ASP B 11 -24.63 -17.47 -14.12
N ASP B 12 -24.01 -16.37 -14.50
CA ASP B 12 -23.18 -15.63 -13.59
C ASP B 12 -23.95 -15.15 -12.37
N HIS B 13 -25.20 -14.77 -12.53
CA HIS B 13 -25.99 -14.32 -11.35
C HIS B 13 -26.34 -15.42 -10.31
N LEU B 14 -26.14 -16.67 -10.67
CA LEU B 14 -26.30 -17.80 -9.74
C LEU B 14 -24.98 -18.06 -8.97
N LYS B 15 -23.96 -17.25 -9.25
CA LYS B 15 -22.67 -17.28 -8.58
C LYS B 15 -22.30 -15.97 -7.87
N VAL B 16 -23.23 -15.02 -7.83
CA VAL B 16 -22.99 -13.70 -7.25
C VAL B 16 -23.37 -13.69 -5.75
N VAL B 17 -22.47 -13.18 -4.91
CA VAL B 17 -22.70 -13.07 -3.48
C VAL B 17 -23.64 -11.90 -3.32
N CYS B 18 -24.84 -12.14 -2.82
CA CYS B 18 -25.90 -11.09 -2.87
C CYS B 18 -25.75 -9.93 -1.85
N GLU B 19 -26.30 -8.76 -2.16
CA GLU B 19 -26.29 -7.63 -1.21
C GLU B 19 -27.33 -7.77 -0.13
N PRO B 20 -26.98 -7.42 1.11
CA PRO B 20 -27.96 -7.37 2.17
C PRO B 20 -29.13 -6.43 1.86
N VAL B 21 -30.29 -6.80 2.31
CA VAL B 21 -31.42 -5.89 2.29
C VAL B 21 -31.24 -4.81 3.38
N THR B 22 -31.32 -3.54 3.00
CA THR B 22 -31.22 -2.39 3.96
C THR B 22 -32.54 -1.96 4.63
N GLU B 23 -33.64 -1.96 3.86
CA GLU B 23 -35.01 -1.81 4.40
C GLU B 23 -35.97 -2.92 3.92
N VAL B 24 -36.58 -3.65 4.85
CA VAL B 24 -37.64 -4.57 4.45
C VAL B 24 -38.92 -3.78 4.14
N ASN B 25 -38.94 -3.24 2.92
CA ASN B 25 -40.05 -2.43 2.41
C ASN B 25 -41.00 -3.27 1.57
N ASP B 26 -41.85 -2.62 0.80
CA ASP B 26 -42.87 -3.32 0.04
C ASP B 26 -42.35 -3.92 -1.24
N ALA B 27 -41.39 -3.25 -1.86
CA ALA B 27 -40.70 -3.88 -2.96
C ALA B 27 -40.18 -5.26 -2.48
N ILE B 28 -39.60 -5.31 -1.28
CA ILE B 28 -39.05 -6.58 -0.78
C ILE B 28 -40.15 -7.61 -0.55
N ARG B 29 -41.19 -7.19 0.16
CA ARG B 29 -42.34 -8.06 0.39
C ARG B 29 -43.05 -8.50 -0.90
N LYS B 30 -43.05 -7.69 -1.96
CA LYS B 30 -43.59 -8.25 -3.21
C LYS B 30 -42.64 -9.36 -3.71
N ILE B 31 -41.34 -9.08 -3.67
CA ILE B 31 -40.34 -10.06 -4.05
C ILE B 31 -40.58 -11.38 -3.32
N VAL B 32 -40.71 -11.30 -2.00
CA VAL B 32 -40.92 -12.49 -1.16
C VAL B 32 -42.12 -13.29 -1.64
N ASP B 33 -43.26 -12.59 -1.83
CA ASP B 33 -44.51 -13.22 -2.35
C ASP B 33 -44.43 -13.74 -3.78
N ASP B 34 -43.82 -12.94 -4.65
CA ASP B 34 -43.55 -13.42 -5.98
C ASP B 34 -42.69 -14.68 -5.90
N MET B 35 -41.82 -14.76 -4.89
CA MET B 35 -40.91 -15.93 -4.76
C MET B 35 -41.62 -17.19 -4.30
N PHE B 36 -42.49 -17.07 -3.30
CA PHE B 36 -43.33 -18.22 -2.86
C PHE B 36 -44.16 -18.71 -4.04
N ASP B 37 -44.85 -17.79 -4.71
CA ASP B 37 -45.62 -18.12 -5.88
C ASP B 37 -44.82 -18.89 -6.91
N THR B 38 -43.61 -18.41 -7.22
CA THR B 38 -42.75 -19.10 -8.17
C THR B 38 -42.28 -20.45 -7.61
N MET B 39 -41.97 -20.46 -6.34
CA MET B 39 -41.49 -21.69 -5.71
C MET B 39 -42.57 -22.79 -5.83
N TYR B 40 -43.81 -22.45 -5.49
CA TYR B 40 -44.93 -23.39 -5.56
C TYR B 40 -45.26 -23.78 -7.01
N GLN B 41 -45.31 -22.81 -7.92
CA GLN B 41 -45.58 -23.10 -9.33
C GLN B 41 -44.58 -24.14 -9.86
N GLU B 42 -43.32 -23.97 -9.51
CA GLU B 42 -42.24 -24.84 -9.99
C GLU B 42 -41.97 -26.07 -9.13
N LYS B 43 -42.69 -26.22 -8.02
CA LYS B 43 -42.63 -27.44 -7.21
C LYS B 43 -41.32 -27.54 -6.45
N GLY B 44 -40.99 -26.47 -5.73
CA GLY B 44 -39.82 -26.43 -4.89
C GLY B 44 -40.22 -26.37 -3.44
N ILE B 45 -39.26 -26.63 -2.57
CA ILE B 45 -39.45 -26.32 -1.14
C ILE B 45 -38.58 -25.17 -0.60
N GLY B 46 -37.66 -24.65 -1.44
CA GLY B 46 -36.86 -23.47 -1.11
C GLY B 46 -36.50 -22.63 -2.32
N LEU B 47 -36.26 -21.34 -2.14
CA LEU B 47 -35.88 -20.48 -3.24
C LEU B 47 -35.05 -19.31 -2.77
N ALA B 48 -34.13 -18.85 -3.59
CA ALA B 48 -33.28 -17.74 -3.16
C ALA B 48 -33.41 -16.66 -4.22
N ALA B 49 -33.43 -15.41 -3.81
CA ALA B 49 -33.67 -14.33 -4.77
C ALA B 49 -32.81 -14.37 -6.05
N PRO B 50 -31.53 -14.64 -5.94
CA PRO B 50 -30.75 -14.66 -7.18
C PRO B 50 -31.24 -15.71 -8.16
N GLN B 51 -31.79 -16.80 -7.68
CA GLN B 51 -32.46 -17.73 -8.59
C GLN B 51 -33.54 -17.07 -9.44
N VAL B 52 -34.13 -15.98 -8.99
CA VAL B 52 -35.02 -15.17 -9.84
C VAL B 52 -34.40 -13.85 -10.30
N ASP B 53 -33.07 -13.84 -10.34
CA ASP B 53 -32.28 -12.71 -10.84
C ASP B 53 -32.41 -11.49 -9.97
N ILE B 54 -32.52 -11.69 -8.65
CA ILE B 54 -32.53 -10.56 -7.74
C ILE B 54 -31.42 -10.75 -6.75
N LEU B 55 -30.40 -9.91 -6.86
CA LEU B 55 -29.15 -10.14 -6.17
C LEU B 55 -29.17 -9.60 -4.73
N GLN B 56 -30.20 -9.99 -3.99
CA GLN B 56 -30.33 -9.61 -2.58
C GLN B 56 -30.53 -10.81 -1.67
N ARG B 57 -30.20 -10.62 -0.41
CA ARG B 57 -30.20 -11.71 0.57
C ARG B 57 -31.60 -12.01 1.10
N ILE B 58 -32.38 -12.74 0.30
CA ILE B 58 -33.76 -13.07 0.61
C ILE B 58 -34.02 -14.54 0.30
N ILE B 59 -34.54 -15.28 1.29
CA ILE B 59 -34.80 -16.70 1.18
C ILE B 59 -36.27 -16.99 1.53
N THR B 60 -36.88 -17.86 0.75
CA THR B 60 -38.27 -18.30 0.92
CA THR B 60 -38.26 -18.32 0.98
C THR B 60 -38.26 -19.83 0.99
N ILE B 61 -38.60 -20.42 2.15
CA ILE B 61 -38.69 -21.88 2.29
C ILE B 61 -40.10 -22.35 2.73
N ASP B 62 -40.51 -23.49 2.16
CA ASP B 62 -41.69 -24.25 2.60
C ASP B 62 -41.50 -25.76 2.32
N VAL B 63 -41.07 -26.46 3.37
CA VAL B 63 -40.78 -27.88 3.31
C VAL B 63 -42.07 -28.69 3.19
N GLU B 64 -43.10 -28.21 3.88
CA GLU B 64 -44.40 -28.88 3.96
C GLU B 64 -45.13 -28.90 2.63
N GLY B 65 -45.04 -27.78 1.91
CA GLY B 65 -45.71 -27.60 0.63
C GLY B 65 -47.09 -26.98 0.80
N ASP B 66 -47.47 -26.63 2.03
CA ASP B 66 -48.88 -26.33 2.33
C ASP B 66 -49.15 -24.90 2.69
N LYS B 67 -48.14 -24.04 2.56
CA LYS B 67 -48.21 -22.61 2.97
C LYS B 67 -48.47 -22.45 4.46
N GLN B 68 -48.14 -23.50 5.22
CA GLN B 68 -48.41 -23.53 6.64
C GLN B 68 -47.18 -23.07 7.40
N ASN B 69 -46.10 -23.85 7.33
CA ASN B 69 -44.85 -23.47 7.97
C ASN B 69 -43.85 -22.87 6.98
N GLN B 70 -44.24 -21.71 6.45
CA GLN B 70 -43.40 -20.87 5.59
C GLN B 70 -42.31 -20.14 6.37
N PHE B 71 -41.06 -20.27 5.94
CA PHE B 71 -39.99 -19.51 6.55
C PHE B 71 -39.49 -18.42 5.58
N VAL B 72 -39.34 -17.21 6.08
CA VAL B 72 -38.71 -16.12 5.33
C VAL B 72 -37.42 -15.68 6.01
N LEU B 73 -36.31 -15.67 5.25
CA LEU B 73 -35.01 -15.31 5.83
C LEU B 73 -34.42 -14.23 4.99
N ILE B 74 -34.22 -13.09 5.63
CA ILE B 74 -33.66 -11.93 4.98
C ILE B 74 -32.40 -11.65 5.79
N ASN B 75 -31.29 -11.39 5.10
CA ASN B 75 -30.02 -11.18 5.78
C ASN B 75 -29.76 -12.24 6.83
N PRO B 76 -29.95 -13.49 6.48
CA PRO B 76 -29.73 -14.53 7.48
C PRO B 76 -28.28 -14.62 7.86
N GLU B 77 -28.00 -15.23 8.99
CA GLU B 77 -26.67 -15.71 9.25
C GLU B 77 -26.64 -16.83 10.27
N ILE B 78 -25.80 -17.79 9.99
CA ILE B 78 -25.68 -18.98 10.79
C ILE B 78 -24.79 -18.65 11.98
N LEU B 79 -25.24 -19.02 13.19
CA LEU B 79 -24.53 -18.71 14.43
C LEU B 79 -23.97 -19.96 15.05
N ALA B 80 -24.63 -21.08 14.87
CA ALA B 80 -24.16 -22.32 15.42
C ALA B 80 -24.65 -23.44 14.52
N SER B 81 -24.00 -24.60 14.58
CA SER B 81 -24.38 -25.74 13.78
C SER B 81 -23.56 -26.94 14.19
N GLU B 82 -24.21 -28.09 14.34
CA GLU B 82 -23.57 -29.32 14.77
C GLU B 82 -24.05 -30.55 13.99
N GLY B 83 -23.29 -31.65 14.08
CA GLY B 83 -23.68 -32.92 13.47
C GLY B 83 -23.46 -32.89 11.98
N GLU B 84 -23.32 -34.05 11.37
CA GLU B 84 -23.21 -34.18 9.93
C GLU B 84 -24.44 -34.90 9.43
N THR B 85 -24.86 -34.56 8.22
CA THR B 85 -25.89 -35.33 7.52
C THR B 85 -25.90 -35.06 6.03
N GLY B 86 -26.82 -35.72 5.32
CA GLY B 86 -26.85 -35.67 3.86
C GLY B 86 -28.14 -36.08 3.19
N ILE B 87 -28.35 -35.54 2.00
CA ILE B 87 -29.54 -35.84 1.22
C ILE B 87 -29.28 -35.58 -0.25
N GLU B 88 -30.06 -36.20 -1.12
CA GLU B 88 -29.96 -35.99 -2.57
C GLU B 88 -30.72 -34.72 -2.90
N GLU B 89 -29.96 -33.63 -2.93
CA GLU B 89 -30.47 -32.28 -3.09
C GLU B 89 -30.64 -31.98 -4.56
N GLY B 90 -31.75 -31.34 -4.89
CA GLY B 90 -32.03 -30.85 -6.22
C GLY B 90 -32.13 -29.35 -6.10
N CYS B 91 -32.33 -28.68 -7.22
CA CYS B 91 -32.42 -27.24 -7.24
C CYS B 91 -33.18 -26.84 -8.46
N LEU B 92 -34.22 -26.02 -8.30
CA LEU B 92 -35.00 -25.46 -9.42
C LEU B 92 -34.18 -24.77 -10.48
N SER B 93 -32.99 -24.29 -10.13
CA SER B 93 -32.07 -23.70 -11.12
C SER B 93 -31.19 -24.76 -11.75
N ILE B 94 -31.33 -26.01 -11.34
CA ILE B 94 -30.50 -27.10 -11.90
C ILE B 94 -31.36 -28.32 -12.19
N PRO B 95 -32.30 -28.16 -13.12
CA PRO B 95 -33.32 -29.17 -13.29
C PRO B 95 -32.70 -30.46 -13.81
N GLY B 96 -33.14 -31.60 -13.26
CA GLY B 96 -32.80 -32.91 -13.80
C GLY B 96 -31.57 -33.58 -13.18
N PHE B 97 -31.17 -33.09 -12.02
CA PHE B 97 -29.92 -33.52 -11.39
C PHE B 97 -30.06 -33.41 -9.88
N ARG B 98 -29.40 -34.34 -9.19
CA ARG B 98 -29.28 -34.28 -7.75
C ARG B 98 -27.89 -34.70 -7.34
N ALA B 99 -27.52 -34.37 -6.12
CA ALA B 99 -26.25 -34.76 -5.57
C ALA B 99 -26.37 -34.82 -4.05
N LEU B 100 -25.63 -35.75 -3.46
CA LEU B 100 -25.59 -35.97 -2.03
C LEU B 100 -24.67 -34.91 -1.45
N VAL B 101 -25.15 -34.01 -0.61
CA VAL B 101 -24.31 -32.90 -0.17
C VAL B 101 -24.04 -32.99 1.33
N PRO B 102 -22.74 -33.00 1.74
CA PRO B 102 -22.50 -33.11 3.18
C PRO B 102 -22.95 -31.81 3.78
N ARG B 103 -23.87 -31.87 4.74
CA ARG B 103 -24.44 -30.70 5.45
C ARG B 103 -24.29 -30.84 6.97
N LYS B 104 -24.54 -29.73 7.65
CA LYS B 104 -24.68 -29.76 9.08
C LYS B 104 -26.10 -30.27 9.34
N GLU B 105 -26.25 -31.01 10.44
CA GLU B 105 -27.53 -31.65 10.76
C GLU B 105 -28.44 -30.67 11.44
N LYS B 106 -27.83 -29.83 12.25
CA LYS B 106 -28.56 -28.85 13.03
C LYS B 106 -27.96 -27.51 12.78
N VAL B 107 -28.81 -26.51 12.71
CA VAL B 107 -28.33 -25.20 12.37
C VAL B 107 -29.09 -24.15 13.20
N THR B 108 -28.38 -23.10 13.62
CA THR B 108 -28.97 -21.96 14.30
C THR B 108 -28.80 -20.71 13.45
N VAL B 109 -29.92 -20.03 13.18
CA VAL B 109 -29.96 -19.03 12.11
C VAL B 109 -30.71 -17.81 12.53
N ARG B 110 -30.08 -16.66 12.36
CA ARG B 110 -30.72 -15.40 12.68
C ARG B 110 -30.90 -14.60 11.40
N ALA B 111 -32.11 -14.07 11.20
CA ALA B 111 -32.51 -13.46 9.92
C ALA B 111 -33.60 -12.43 10.21
N LEU B 112 -34.03 -11.69 9.20
CA LEU B 112 -35.17 -10.80 9.36
C LEU B 112 -36.31 -11.50 8.67
N ASP B 113 -37.51 -11.33 9.21
CA ASP B 113 -38.66 -11.95 8.62
C ASP B 113 -39.23 -10.98 7.63
N ARG B 114 -40.34 -11.40 7.07
CA ARG B 114 -41.05 -10.72 6.03
C ARG B 114 -41.33 -9.26 6.35
N ASP B 115 -41.49 -8.94 7.63
CA ASP B 115 -41.70 -7.54 8.03
C ASP B 115 -40.46 -6.92 8.71
N GLY B 116 -39.28 -7.47 8.36
CA GLY B 116 -38.02 -6.95 8.83
C GLY B 116 -37.83 -7.04 10.33
N LYS B 117 -38.46 -8.02 10.98
CA LYS B 117 -38.19 -8.23 12.40
C LYS B 117 -37.25 -9.39 12.60
N GLU B 118 -36.34 -9.21 13.55
CA GLU B 118 -35.28 -10.13 13.75
C GLU B 118 -35.85 -11.32 14.45
N PHE B 119 -35.39 -12.50 14.06
CA PHE B 119 -35.69 -13.74 14.76
C PHE B 119 -34.53 -14.70 14.66
N THR B 120 -34.47 -15.65 15.60
CA THR B 120 -33.45 -16.65 15.63
C THR B 120 -34.12 -17.97 15.76
N LEU B 121 -33.66 -18.96 14.99
CA LEU B 121 -34.31 -20.25 14.91
C LEU B 121 -33.29 -21.40 14.92
N ASP B 122 -33.53 -22.37 15.79
CA ASP B 122 -32.86 -23.65 15.67
C ASP B 122 -33.59 -24.55 14.66
N ALA B 123 -32.85 -25.20 13.76
CA ALA B 123 -33.47 -26.06 12.77
C ALA B 123 -32.73 -27.36 12.61
N ASP B 124 -33.46 -28.40 12.23
CA ASP B 124 -32.86 -29.72 12.01
C ASP B 124 -33.47 -30.43 10.83
N GLY B 125 -32.90 -31.59 10.48
CA GLY B 125 -33.42 -32.40 9.39
C GLY B 125 -33.48 -31.58 8.12
N LEU B 126 -34.62 -31.65 7.44
CA LEU B 126 -34.81 -31.05 6.14
C LEU B 126 -34.79 -29.52 6.14
N LEU B 127 -35.42 -28.93 7.14
CA LEU B 127 -35.43 -27.50 7.23
C LEU B 127 -33.97 -27.06 7.24
N ALA B 128 -33.21 -27.68 8.13
CA ALA B 128 -31.83 -27.28 8.34
C ALA B 128 -31.06 -27.38 7.03
N ILE B 129 -31.30 -28.47 6.30
CA ILE B 129 -30.66 -28.70 5.02
C ILE B 129 -31.01 -27.64 3.99
N CYS B 130 -32.30 -27.32 3.84
CA CYS B 130 -32.68 -26.25 2.87
C CYS B 130 -32.14 -24.91 3.27
N ILE B 131 -32.14 -24.61 4.58
CA ILE B 131 -31.58 -23.35 5.02
C ILE B 131 -30.14 -23.23 4.51
N GLN B 132 -29.31 -24.25 4.74
CA GLN B 132 -27.92 -24.30 4.19
C GLN B 132 -27.86 -24.18 2.65
N HIS B 133 -28.57 -25.04 1.94
CA HIS B 133 -28.73 -24.89 0.50
C HIS B 133 -29.04 -23.45 0.14
N GLU B 134 -30.04 -22.87 0.78
CA GLU B 134 -30.54 -21.58 0.33
C GLU B 134 -29.61 -20.45 0.72
N ILE B 135 -28.90 -20.58 1.84
CA ILE B 135 -27.88 -19.57 2.16
C ILE B 135 -26.71 -19.69 1.17
N ASP B 136 -26.25 -20.92 0.90
CA ASP B 136 -25.28 -21.11 -0.18
C ASP B 136 -25.61 -20.22 -1.39
N HIS B 137 -26.85 -20.25 -1.88
CA HIS B 137 -27.23 -19.37 -3.03
C HIS B 137 -26.84 -17.84 -2.88
N LEU B 138 -26.94 -17.33 -1.65
CA LEU B 138 -26.76 -15.90 -1.37
C LEU B 138 -25.28 -15.61 -1.35
N ASN B 139 -24.54 -16.69 -1.18
CA ASN B 139 -23.10 -16.66 -1.23
C ASN B 139 -22.51 -17.17 -2.55
N GLY B 140 -23.35 -17.25 -3.60
CA GLY B 140 -22.93 -17.72 -4.94
C GLY B 140 -22.50 -19.19 -5.00
N ILE B 141 -23.01 -20.03 -4.10
CA ILE B 141 -22.60 -21.42 -4.06
C ILE B 141 -23.79 -22.28 -4.42
N LEU B 142 -23.59 -23.19 -5.38
CA LEU B 142 -24.61 -24.17 -5.83
C LEU B 142 -24.24 -25.59 -5.41
N PHE B 143 -25.20 -26.50 -5.47
CA PHE B 143 -24.89 -27.83 -4.95
C PHE B 143 -23.87 -28.49 -5.81
N VAL B 144 -23.85 -28.14 -7.09
CA VAL B 144 -22.89 -28.75 -7.98
C VAL B 144 -21.46 -28.36 -7.62
N ASP B 145 -21.27 -27.30 -6.82
CA ASP B 145 -19.91 -26.88 -6.45
C ASP B 145 -19.30 -27.78 -5.39
N TYR B 146 -20.10 -28.69 -4.86
CA TYR B 146 -19.54 -29.72 -4.02
C TYR B 146 -19.10 -30.94 -4.82
N LEU B 147 -19.32 -30.95 -6.14
CA LEU B 147 -18.94 -32.08 -6.99
C LEU B 147 -17.54 -31.92 -7.56
N SER B 148 -17.05 -33.01 -8.12
CA SER B 148 -15.77 -32.99 -8.81
C SER B 148 -15.89 -32.03 -10.00
N PRO B 149 -14.79 -31.35 -10.34
CA PRO B 149 -14.78 -30.48 -11.51
C PRO B 149 -15.40 -31.09 -12.79
N LEU B 150 -15.01 -32.30 -13.20
CA LEU B 150 -15.56 -32.89 -14.42
C LEU B 150 -17.06 -33.11 -14.35
N LYS B 151 -17.56 -33.58 -13.22
CA LYS B 151 -19.00 -33.79 -13.05
C LYS B 151 -19.81 -32.51 -13.15
N ARG B 152 -19.33 -31.49 -12.47
CA ARG B 152 -19.86 -30.14 -12.65
C ARG B 152 -19.90 -29.74 -14.11
N GLN B 153 -18.75 -29.88 -14.78
CA GLN B 153 -18.60 -29.53 -16.20
C GLN B 153 -19.65 -30.20 -17.07
N ARG B 154 -19.80 -31.49 -16.84
CA ARG B 154 -20.71 -32.38 -17.53
C ARG B 154 -22.12 -31.84 -17.44
N ILE B 155 -22.58 -31.52 -16.21
CA ILE B 155 -23.92 -30.97 -15.96
C ILE B 155 -24.10 -29.58 -16.57
N LYS B 156 -23.14 -28.72 -16.34
CA LYS B 156 -23.15 -27.42 -16.96
C LYS B 156 -23.41 -27.57 -18.49
N GLU B 157 -22.64 -28.45 -19.15
CA GLU B 157 -22.72 -28.62 -20.62
C GLU B 157 -24.07 -29.11 -21.07
N LYS B 158 -24.63 -30.09 -20.34
CA LYS B 158 -26.00 -30.62 -20.66
C LYS B 158 -27.02 -29.51 -20.49
N LEU B 159 -26.89 -28.71 -19.43
CA LEU B 159 -27.86 -27.65 -19.17
C LEU B 159 -27.69 -26.51 -20.14
N ILE B 160 -26.48 -26.31 -20.67
CA ILE B 160 -26.29 -25.28 -21.70
C ILE B 160 -27.07 -25.68 -22.94
N LYS B 161 -26.96 -26.95 -23.31
CA LYS B 161 -27.70 -27.52 -24.42
C LYS B 161 -29.19 -27.63 -24.12
N TYR B 162 -29.55 -27.88 -22.87
CA TYR B 162 -30.96 -27.85 -22.49
C TYR B 162 -31.55 -26.45 -22.59
N LYS B 163 -30.74 -25.42 -22.27
CA LYS B 163 -31.19 -24.01 -22.26
C LYS B 163 -31.53 -23.48 -23.65
N LYS B 164 -30.64 -23.76 -24.60
CA LYS B 164 -30.95 -23.51 -25.99
C LYS B 164 -32.27 -24.18 -26.34
N GLN B 165 -32.41 -25.48 -26.03
CA GLN B 165 -33.58 -26.23 -26.46
C GLN B 165 -34.91 -25.57 -26.18
N ILE B 166 -34.94 -24.45 -25.47
CA ILE B 166 -36.16 -23.65 -25.38
C ILE B 166 -35.81 -22.20 -25.62
N THR C 2 -7.66 -5.71 -23.16
CA THR C 2 -6.50 -5.58 -24.11
C THR C 2 -5.36 -4.70 -23.55
N ALA C 3 -5.71 -3.64 -22.81
CA ALA C 3 -4.77 -2.94 -21.90
C ALA C 3 -4.66 -3.75 -20.61
N LEU C 4 -3.60 -3.56 -19.83
CA LEU C 4 -3.50 -4.22 -18.53
C LEU C 4 -4.35 -3.47 -17.48
N ASN C 5 -5.67 -3.60 -17.67
CA ASN C 5 -6.69 -2.94 -16.87
C ASN C 5 -7.42 -3.95 -15.92
N VAL C 6 -8.29 -3.40 -15.07
CA VAL C 6 -8.89 -4.06 -13.91
C VAL C 6 -10.37 -3.65 -13.80
N LEU C 7 -11.24 -4.57 -13.43
CA LEU C 7 -12.60 -4.24 -13.13
C LEU C 7 -12.57 -3.31 -11.89
N ILE C 8 -13.43 -2.30 -11.90
CA ILE C 8 -13.54 -1.31 -10.85
C ILE C 8 -14.90 -1.50 -10.21
N TYR C 9 -14.96 -1.56 -8.87
CA TYR C 9 -16.24 -1.56 -8.13
C TYR C 9 -17.08 -0.32 -8.49
N PRO C 10 -18.38 -0.49 -8.77
CA PRO C 10 -19.20 -1.68 -8.80
C PRO C 10 -19.23 -2.39 -10.15
N ASP C 11 -19.15 -3.72 -10.09
CA ASP C 11 -19.29 -4.58 -11.25
C ASP C 11 -19.65 -5.97 -10.74
N ASP C 12 -20.63 -6.60 -11.39
CA ASP C 12 -21.09 -7.95 -11.00
C ASP C 12 -20.00 -9.01 -10.82
N HIS C 13 -19.00 -8.97 -11.70
CA HIS C 13 -17.98 -9.97 -11.72
C HIS C 13 -16.98 -9.80 -10.59
N LEU C 14 -17.14 -8.74 -9.82
CA LEU C 14 -16.34 -8.54 -8.62
C LEU C 14 -17.01 -9.15 -7.42
N LYS C 15 -18.23 -9.64 -7.62
CA LYS C 15 -18.95 -10.35 -6.58
C LYS C 15 -19.27 -11.79 -6.97
N VAL C 16 -18.57 -12.32 -7.96
CA VAL C 16 -18.82 -13.69 -8.41
C VAL C 16 -17.86 -14.71 -7.72
N VAL C 17 -18.39 -15.85 -7.38
CA VAL C 17 -17.61 -16.91 -6.76
C VAL C 17 -17.00 -17.71 -7.89
N CYS C 18 -15.68 -17.72 -7.97
CA CYS C 18 -14.99 -18.29 -9.10
C CYS C 18 -14.88 -19.83 -9.00
N GLU C 19 -14.81 -20.50 -10.15
CA GLU C 19 -14.71 -21.93 -10.13
C GLU C 19 -13.24 -22.37 -10.19
N PRO C 20 -12.94 -23.53 -9.60
CA PRO C 20 -11.57 -24.09 -9.61
C PRO C 20 -11.05 -24.36 -11.01
N VAL C 21 -9.77 -24.15 -11.20
CA VAL C 21 -9.16 -24.42 -12.48
C VAL C 21 -9.14 -25.92 -12.62
N THR C 22 -9.65 -26.47 -13.73
CA THR C 22 -9.67 -27.93 -13.90
C THR C 22 -8.27 -28.41 -14.21
N GLU C 23 -7.57 -27.71 -15.09
CA GLU C 23 -6.17 -28.01 -15.35
C GLU C 23 -5.30 -26.80 -15.67
N VAL C 24 -4.10 -26.83 -15.09
CA VAL C 24 -3.12 -25.78 -15.26
C VAL C 24 -2.41 -26.07 -16.57
N ASN C 25 -3.02 -25.57 -17.64
CA ASN C 25 -2.50 -25.70 -18.96
C ASN C 25 -1.98 -24.32 -19.34
N ASP C 26 -1.82 -24.00 -20.61
CA ASP C 26 -1.19 -22.72 -20.91
C ASP C 26 -2.10 -21.59 -21.27
N ALA C 27 -3.39 -21.85 -21.43
CA ALA C 27 -4.39 -20.78 -21.34
C ALA C 27 -4.32 -20.17 -19.90
N ILE C 28 -4.03 -21.03 -18.95
CA ILE C 28 -3.98 -20.68 -17.56
C ILE C 28 -2.68 -19.99 -17.20
N ARG C 29 -1.57 -20.52 -17.72
CA ARG C 29 -0.29 -19.90 -17.50
C ARG C 29 -0.25 -18.55 -18.20
N LYS C 30 -0.93 -18.43 -19.32
CA LYS C 30 -1.02 -17.12 -19.98
C LYS C 30 -1.89 -16.15 -19.16
N ILE C 31 -2.99 -16.63 -18.57
CA ILE C 31 -3.75 -15.82 -17.63
C ILE C 31 -2.88 -15.36 -16.43
N VAL C 32 -2.05 -16.28 -15.91
CA VAL C 32 -1.14 -15.96 -14.79
C VAL C 32 -0.17 -14.84 -15.12
N ASP C 33 0.46 -14.93 -16.29
CA ASP C 33 1.43 -13.92 -16.71
C ASP C 33 0.73 -12.59 -16.99
N ASP C 34 -0.47 -12.62 -17.58
CA ASP C 34 -1.25 -11.38 -17.77
C ASP C 34 -1.63 -10.72 -16.46
N MET C 35 -1.88 -11.54 -15.44
CA MET C 35 -2.28 -11.03 -14.15
C MET C 35 -1.08 -10.33 -13.50
N PHE C 36 0.05 -11.01 -13.51
CA PHE C 36 1.25 -10.36 -13.00
C PHE C 36 1.55 -9.03 -13.66
N ASP C 37 1.39 -8.99 -14.98
CA ASP C 37 1.68 -7.76 -15.68
C ASP C 37 0.67 -6.71 -15.22
N THR C 38 -0.57 -7.11 -14.97
CA THR C 38 -1.62 -6.18 -14.60
C THR C 38 -1.35 -5.68 -13.21
N MET C 39 -0.99 -6.59 -12.32
CA MET C 39 -0.59 -6.22 -10.97
C MET C 39 0.52 -5.17 -11.03
N TYR C 40 1.57 -5.46 -11.79
CA TYR C 40 2.75 -4.55 -11.88
C TYR C 40 2.43 -3.22 -12.57
N GLN C 41 1.71 -3.27 -13.69
CA GLN C 41 1.21 -2.05 -14.32
C GLN C 41 0.52 -1.12 -13.32
N GLU C 42 -0.39 -1.67 -12.52
CA GLU C 42 -1.24 -0.87 -11.62
C GLU C 42 -0.63 -0.63 -10.25
N LYS C 43 0.66 -0.95 -10.14
CA LYS C 43 1.38 -1.02 -8.87
C LYS C 43 0.60 -1.67 -7.72
N GLY C 44 0.08 -2.87 -7.94
CA GLY C 44 -0.53 -3.62 -6.85
C GLY C 44 0.41 -4.66 -6.26
N ILE C 45 0.05 -5.24 -5.11
CA ILE C 45 0.85 -6.39 -4.60
C ILE C 45 0.16 -7.73 -4.72
N GLY C 46 -1.14 -7.71 -4.94
CA GLY C 46 -1.86 -8.95 -5.16
C GLY C 46 -2.88 -8.77 -6.24
N LEU C 47 -3.37 -9.90 -6.76
CA LEU C 47 -4.43 -9.83 -7.76
C LEU C 47 -5.09 -11.14 -7.74
N ALA C 48 -6.39 -11.10 -8.10
CA ALA C 48 -7.24 -12.25 -8.26
C ALA C 48 -7.86 -12.13 -9.62
N ALA C 49 -8.00 -13.29 -10.28
CA ALA C 49 -8.51 -13.43 -11.63
C ALA C 49 -9.80 -12.66 -11.96
N PRO C 50 -10.78 -12.62 -11.05
CA PRO C 50 -12.00 -11.86 -11.43
C PRO C 50 -11.75 -10.37 -11.57
N GLN C 51 -10.65 -9.89 -11.00
CA GLN C 51 -10.29 -8.50 -11.23
C GLN C 51 -9.90 -8.19 -12.69
N VAL C 52 -9.41 -9.19 -13.45
CA VAL C 52 -9.24 -8.99 -14.89
C VAL C 52 -10.32 -9.78 -15.62
N ASP C 53 -11.44 -9.99 -14.96
CA ASP C 53 -12.59 -10.63 -15.57
C ASP C 53 -12.46 -12.13 -15.93
N ILE C 54 -11.72 -12.91 -15.15
CA ILE C 54 -11.65 -14.35 -15.35
C ILE C 54 -12.15 -15.07 -14.11
N LEU C 55 -13.25 -15.79 -14.28
CA LEU C 55 -14.01 -16.32 -13.17
C LEU C 55 -13.44 -17.68 -12.74
N GLN C 56 -12.17 -17.64 -12.37
CA GLN C 56 -11.44 -18.83 -12.01
C GLN C 56 -10.57 -18.57 -10.81
N ARG C 57 -10.31 -19.64 -10.08
CA ARG C 57 -9.59 -19.52 -8.83
C ARG C 57 -8.06 -19.43 -9.02
N ILE C 58 -7.67 -18.23 -9.40
CA ILE C 58 -6.26 -17.89 -9.66
C ILE C 58 -5.90 -16.57 -8.97
N ILE C 59 -4.72 -16.59 -8.33
CA ILE C 59 -4.20 -15.47 -7.56
C ILE C 59 -2.71 -15.37 -7.84
N THR C 60 -2.23 -14.13 -8.05
CA THR C 60 -0.82 -13.81 -8.19
C THR C 60 -0.44 -12.76 -7.16
N ILE C 61 0.64 -12.99 -6.43
CA ILE C 61 1.07 -12.05 -5.42
C ILE C 61 2.57 -11.81 -5.57
N ASP C 62 2.95 -10.55 -5.32
CA ASP C 62 4.37 -10.15 -5.22
C ASP C 62 4.50 -8.91 -4.30
N VAL C 63 4.82 -9.13 -3.05
CA VAL C 63 4.80 -8.05 -2.10
C VAL C 63 5.79 -6.93 -2.43
N GLU C 64 6.99 -7.29 -2.92
CA GLU C 64 8.08 -6.31 -3.08
C GLU C 64 8.07 -5.63 -4.45
N GLY C 65 7.41 -6.24 -5.43
CA GLY C 65 7.35 -5.75 -6.80
C GLY C 65 8.53 -6.10 -7.72
N ASP C 66 9.63 -6.59 -7.15
CA ASP C 66 10.90 -6.79 -7.88
C ASP C 66 10.96 -8.14 -8.59
N LYS C 67 9.86 -8.89 -8.54
CA LYS C 67 9.70 -10.25 -9.12
C LYS C 67 10.52 -11.28 -8.41
N GLN C 68 11.19 -10.90 -7.34
CA GLN C 68 12.10 -11.81 -6.72
C GLN C 68 11.32 -12.88 -5.95
N ASN C 69 10.10 -12.58 -5.54
CA ASN C 69 9.29 -13.55 -4.82
C ASN C 69 7.83 -13.55 -5.27
N GLN C 70 7.62 -14.06 -6.49
CA GLN C 70 6.29 -14.17 -7.07
C GLN C 70 5.66 -15.40 -6.45
N PHE C 71 4.49 -15.26 -5.82
CA PHE C 71 3.65 -16.40 -5.50
C PHE C 71 2.49 -16.54 -6.51
N VAL C 72 2.25 -17.76 -6.95
CA VAL C 72 1.06 -18.10 -7.75
C VAL C 72 0.28 -19.15 -6.97
N LEU C 73 -1.02 -18.96 -6.84
CA LEU C 73 -1.87 -19.84 -6.01
C LEU C 73 -3.11 -20.18 -6.78
N ILE C 74 -3.21 -21.42 -7.20
CA ILE C 74 -4.36 -21.79 -7.99
C ILE C 74 -5.13 -22.75 -7.14
N ASN C 75 -6.46 -22.71 -7.24
CA ASN C 75 -7.31 -23.46 -6.31
C ASN C 75 -6.79 -23.50 -4.89
N PRO C 76 -6.59 -22.33 -4.29
CA PRO C 76 -6.01 -22.34 -2.95
C PRO C 76 -6.99 -22.83 -1.91
N GLU C 77 -6.49 -23.37 -0.79
CA GLU C 77 -7.28 -23.44 0.45
C GLU C 77 -6.46 -23.25 1.72
N ILE C 78 -7.06 -22.58 2.68
CA ILE C 78 -6.43 -22.32 3.95
C ILE C 78 -6.57 -23.62 4.75
N LEU C 79 -5.47 -24.24 5.08
CA LEU C 79 -5.53 -25.43 5.92
C LEU C 79 -5.80 -24.97 7.34
N ALA C 80 -4.97 -24.09 7.85
CA ALA C 80 -5.28 -23.49 9.13
C ALA C 80 -4.84 -22.03 9.17
N SER C 81 -5.21 -21.35 10.26
CA SER C 81 -4.78 -19.99 10.49
C SER C 81 -4.67 -19.73 11.99
N GLU C 82 -4.05 -18.63 12.40
CA GLU C 82 -4.07 -18.26 13.82
C GLU C 82 -4.02 -16.75 14.07
N GLY C 83 -4.66 -16.33 15.17
CA GLY C 83 -4.57 -14.96 15.64
C GLY C 83 -5.34 -14.03 14.75
N GLU C 84 -5.35 -12.75 15.09
CA GLU C 84 -6.02 -11.74 14.27
C GLU C 84 -5.11 -10.52 14.09
N THR C 85 -5.43 -9.70 13.11
CA THR C 85 -4.60 -8.57 12.72
C THR C 85 -5.46 -7.72 11.82
N GLY C 86 -4.99 -6.53 11.54
CA GLY C 86 -5.73 -5.62 10.72
C GLY C 86 -4.80 -4.57 10.20
N ILE C 87 -4.94 -4.26 8.94
CA ILE C 87 -4.29 -3.11 8.41
C ILE C 87 -5.29 -2.50 7.44
N GLU C 88 -5.25 -1.17 7.32
CA GLU C 88 -6.14 -0.47 6.39
C GLU C 88 -5.77 -0.97 5.03
N GLU C 89 -6.60 -1.82 4.46
CA GLU C 89 -6.32 -2.49 3.19
C GLU C 89 -6.90 -1.69 2.02
N GLY C 90 -6.16 -1.69 0.90
CA GLY C 90 -6.62 -1.18 -0.35
C GLY C 90 -6.73 -2.28 -1.42
N CYS C 91 -7.29 -1.91 -2.57
CA CYS C 91 -7.66 -2.80 -3.66
C CYS C 91 -7.62 -2.02 -4.95
N LEU C 92 -6.98 -2.58 -5.96
CA LEU C 92 -6.95 -1.95 -7.25
C LEU C 92 -8.33 -1.89 -7.84
N SER C 93 -9.22 -2.81 -7.47
CA SER C 93 -10.60 -2.73 -7.94
C SER C 93 -11.44 -1.70 -7.19
N ILE C 94 -10.87 -1.09 -6.14
CA ILE C 94 -11.60 -0.08 -5.34
C ILE C 94 -10.69 1.13 -5.11
N PRO C 95 -10.30 1.79 -6.22
CA PRO C 95 -9.17 2.69 -6.16
C PRO C 95 -9.48 3.88 -5.27
N GLY C 96 -8.49 4.30 -4.50
CA GLY C 96 -8.58 5.49 -3.67
C GLY C 96 -9.18 5.26 -2.30
N PHE C 97 -9.39 4.00 -1.90
CA PHE C 97 -9.98 3.74 -0.59
C PHE C 97 -9.31 2.60 0.15
N ARG C 98 -9.21 2.73 1.46
CA ARG C 98 -8.78 1.59 2.30
CA ARG C 98 -8.74 1.63 2.33
C ARG C 98 -9.60 1.54 3.58
N ALA C 99 -9.65 0.36 4.18
CA ALA C 99 -10.39 0.11 5.42
C ALA C 99 -9.72 -1.00 6.12
N LEU C 100 -9.70 -0.91 7.45
CA LEU C 100 -9.20 -1.97 8.26
C LEU C 100 -10.14 -3.16 8.14
N VAL C 101 -9.60 -4.32 7.83
CA VAL C 101 -10.40 -5.50 7.74
C VAL C 101 -9.83 -6.54 8.69
N PRO C 102 -10.71 -7.15 9.51
CA PRO C 102 -10.24 -8.13 10.47
C PRO C 102 -9.72 -9.40 9.76
N ARG C 103 -8.44 -9.73 9.97
CA ARG C 103 -7.75 -10.87 9.30
C ARG C 103 -7.05 -11.80 10.29
N LYS C 104 -6.73 -13.01 9.85
CA LYS C 104 -5.90 -13.90 10.63
C LYS C 104 -4.46 -13.47 10.42
N GLU C 105 -3.64 -13.58 11.46
CA GLU C 105 -2.25 -13.10 11.44
C GLU C 105 -1.32 -14.05 10.71
N LYS C 106 -1.47 -15.34 10.97
CA LYS C 106 -0.68 -16.35 10.28
C LYS C 106 -1.70 -17.22 9.59
N VAL C 107 -1.27 -17.79 8.47
CA VAL C 107 -2.14 -18.58 7.66
C VAL C 107 -1.29 -19.64 7.00
N THR C 108 -1.84 -20.83 6.86
CA THR C 108 -1.22 -21.92 6.11
C THR C 108 -2.11 -22.24 4.93
N VAL C 109 -1.56 -22.11 3.72
CA VAL C 109 -2.31 -22.24 2.49
C VAL C 109 -1.71 -23.33 1.69
N ARG C 110 -2.58 -24.17 1.17
CA ARG C 110 -2.22 -25.11 0.12
C ARG C 110 -2.87 -24.65 -1.18
N ALA C 111 -2.14 -24.81 -2.28
CA ALA C 111 -2.56 -24.38 -3.61
C ALA C 111 -1.66 -25.01 -4.66
N LEU C 112 -2.01 -24.78 -5.93
CA LEU C 112 -1.17 -25.16 -7.07
C LEU C 112 -0.31 -24.00 -7.58
N ASP C 113 0.90 -24.31 -8.00
CA ASP C 113 1.79 -23.31 -8.57
C ASP C 113 1.54 -23.15 -10.08
N ARG C 114 2.32 -22.29 -10.72
CA ARG C 114 2.25 -21.95 -12.14
C ARG C 114 2.34 -23.17 -13.06
N ASP C 115 3.05 -24.22 -12.61
CA ASP C 115 3.17 -25.49 -13.34
C ASP C 115 2.05 -26.50 -13.05
N GLY C 116 1.24 -26.27 -12.03
CA GLY C 116 0.17 -27.19 -11.69
C GLY C 116 0.59 -28.12 -10.58
N LYS C 117 1.65 -27.76 -9.88
CA LYS C 117 2.22 -28.63 -8.87
C LYS C 117 1.87 -28.10 -7.49
N GLU C 118 1.53 -29.00 -6.56
CA GLU C 118 0.90 -28.64 -5.28
C GLU C 118 1.90 -28.17 -4.29
N PHE C 119 1.67 -27.02 -3.65
CA PHE C 119 2.57 -26.57 -2.59
C PHE C 119 1.85 -26.23 -1.33
N THR C 120 2.59 -26.14 -0.22
CA THR C 120 2.05 -25.57 1.00
C THR C 120 2.94 -24.43 1.47
N LEU C 121 2.31 -23.36 1.92
CA LEU C 121 2.97 -22.11 2.26
C LEU C 121 2.47 -21.60 3.61
N ASP C 122 3.41 -21.40 4.53
CA ASP C 122 3.13 -20.60 5.70
C ASP C 122 3.48 -19.16 5.45
N ALA C 123 2.59 -18.28 5.88
CA ALA C 123 2.70 -16.87 5.59
C ALA C 123 2.20 -16.13 6.80
N ASP C 124 2.86 -15.01 7.09
CA ASP C 124 2.33 -14.09 8.03
C ASP C 124 2.43 -12.67 7.47
N GLY C 125 2.11 -11.71 8.33
CA GLY C 125 2.29 -10.31 8.00
C GLY C 125 1.43 -9.96 6.82
N LEU C 126 1.97 -9.08 6.02
CA LEU C 126 1.29 -8.53 4.88
C LEU C 126 0.90 -9.63 3.89
N LEU C 127 1.86 -10.50 3.59
CA LEU C 127 1.64 -11.65 2.76
C LEU C 127 0.39 -12.41 3.15
N ALA C 128 0.26 -12.68 4.45
CA ALA C 128 -0.90 -13.43 4.91
C ALA C 128 -2.17 -12.65 4.73
N ILE C 129 -2.07 -11.32 4.84
CA ILE C 129 -3.25 -10.45 4.64
C ILE C 129 -3.61 -10.45 3.18
N CYS C 130 -2.59 -10.35 2.31
CA CYS C 130 -2.86 -10.37 0.88
CA CYS C 130 -2.80 -10.40 0.87
C CYS C 130 -3.52 -11.69 0.55
N ILE C 131 -2.94 -12.81 0.97
CA ILE C 131 -3.56 -14.10 0.64
C ILE C 131 -5.05 -14.09 0.98
N GLN C 132 -5.39 -13.59 2.16
CA GLN C 132 -6.79 -13.63 2.57
C GLN C 132 -7.66 -12.71 1.73
N HIS C 133 -7.18 -11.50 1.45
CA HIS C 133 -7.83 -10.54 0.61
C HIS C 133 -8.08 -11.13 -0.79
N GLU C 134 -7.13 -11.88 -1.32
CA GLU C 134 -7.30 -12.37 -2.69
C GLU C 134 -8.23 -13.57 -2.77
N ILE C 135 -8.19 -14.37 -1.72
CA ILE C 135 -9.11 -15.49 -1.60
C ILE C 135 -10.55 -14.98 -1.49
N ASP C 136 -10.75 -13.90 -0.74
CA ASP C 136 -12.06 -13.26 -0.67
C ASP C 136 -12.56 -12.91 -2.08
N HIS C 137 -11.68 -12.39 -2.94
CA HIS C 137 -12.06 -12.06 -4.30
C HIS C 137 -12.58 -13.29 -4.98
N LEU C 138 -11.86 -14.40 -4.86
CA LEU C 138 -12.31 -15.68 -5.44
C LEU C 138 -13.70 -16.13 -4.99
N ASN C 139 -14.07 -15.72 -3.77
CA ASN C 139 -15.42 -15.91 -3.22
C ASN C 139 -16.38 -14.69 -3.27
N GLY C 140 -16.18 -13.81 -4.23
CA GLY C 140 -17.11 -12.74 -4.52
C GLY C 140 -17.27 -11.79 -3.33
N ILE C 141 -16.17 -11.62 -2.59
CA ILE C 141 -16.11 -10.73 -1.46
C ILE C 141 -15.02 -9.67 -1.57
N LEU C 142 -15.44 -8.43 -1.32
CA LEU C 142 -14.59 -7.25 -1.37
C LEU C 142 -14.47 -6.61 0.02
N PHE C 143 -13.47 -5.74 0.19
CA PHE C 143 -13.22 -5.19 1.52
C PHE C 143 -14.38 -4.30 1.98
N VAL C 144 -15.01 -3.63 1.01
CA VAL C 144 -16.18 -2.82 1.30
C VAL C 144 -17.36 -3.60 1.87
N ASP C 145 -17.37 -4.94 1.74
CA ASP C 145 -18.47 -5.74 2.25
C ASP C 145 -18.29 -5.96 3.75
N TYR C 146 -17.15 -5.61 4.31
CA TYR C 146 -16.99 -5.65 5.77
C TYR C 146 -17.39 -4.31 6.40
N LEU C 147 -17.68 -3.27 5.62
CA LEU C 147 -18.04 -1.96 6.14
C LEU C 147 -19.53 -1.90 6.34
N SER C 148 -20.04 -0.70 6.58
CA SER C 148 -21.45 -0.53 6.88
C SER C 148 -22.10 -0.14 5.58
N PRO C 149 -23.38 -0.50 5.43
CA PRO C 149 -24.05 -0.15 4.17
C PRO C 149 -23.72 1.27 3.78
N LEU C 150 -23.71 2.16 4.75
CA LEU C 150 -23.52 3.58 4.46
C LEU C 150 -22.13 3.85 3.87
N LYS C 151 -21.08 3.38 4.53
CA LYS C 151 -19.75 3.58 4.04
C LYS C 151 -19.57 3.00 2.62
N ARG C 152 -20.12 1.83 2.39
CA ARG C 152 -19.98 1.14 1.12
C ARG C 152 -20.75 1.87 0.01
N GLN C 153 -21.98 2.27 0.31
CA GLN C 153 -22.82 3.02 -0.66
C GLN C 153 -22.10 4.31 -1.06
N ARG C 154 -21.51 4.98 -0.08
CA ARG C 154 -20.72 6.17 -0.35
C ARG C 154 -19.55 5.85 -1.28
N ILE C 155 -18.92 4.70 -1.06
CA ILE C 155 -17.81 4.35 -1.92
C ILE C 155 -18.25 4.05 -3.34
N LYS C 156 -19.27 3.19 -3.46
CA LYS C 156 -19.90 2.93 -4.75
C LYS C 156 -20.15 4.22 -5.53
N GLU C 157 -20.74 5.21 -4.86
CA GLU C 157 -21.14 6.45 -5.53
C GLU C 157 -19.95 7.21 -6.07
N LYS C 158 -18.89 7.37 -5.28
CA LYS C 158 -17.68 7.96 -5.80
C LYS C 158 -17.10 7.19 -6.98
N LEU C 159 -17.24 5.88 -6.93
CA LEU C 159 -16.57 5.06 -7.91
C LEU C 159 -17.28 5.02 -9.25
N ILE C 160 -18.60 5.06 -9.25
CA ILE C 160 -19.33 5.19 -10.53
C ILE C 160 -18.83 6.44 -11.24
N LYS C 161 -18.73 7.50 -10.45
CA LYS C 161 -18.38 8.82 -10.96
C LYS C 161 -16.97 8.70 -11.54
N TYR C 162 -16.09 8.09 -10.77
CA TYR C 162 -14.71 7.89 -11.17
C TYR C 162 -14.63 7.09 -12.47
N LYS C 163 -15.44 6.04 -12.58
CA LYS C 163 -15.37 5.13 -13.72
C LYS C 163 -15.71 5.88 -14.97
N LYS C 164 -16.77 6.65 -14.89
CA LYS C 164 -17.11 7.58 -15.98
C LYS C 164 -15.93 8.41 -16.43
N GLN C 165 -15.33 9.12 -15.47
CA GLN C 165 -14.33 10.16 -15.78
C GLN C 165 -13.02 9.56 -16.34
N ILE C 166 -12.76 8.29 -16.08
CA ILE C 166 -11.57 7.59 -16.60
C ILE C 166 -12.00 6.82 -17.84
N ALA D 3 43.17 19.85 -9.47
CA ALA D 3 41.86 20.50 -9.68
C ALA D 3 40.77 19.49 -10.08
N LEU D 4 39.64 19.58 -9.38
CA LEU D 4 38.32 19.20 -9.89
C LEU D 4 37.57 20.52 -9.86
N ASN D 5 36.35 20.60 -10.40
CA ASN D 5 35.64 21.88 -10.39
C ASN D 5 34.88 22.03 -9.10
N VAL D 6 35.05 23.16 -8.44
CA VAL D 6 34.28 23.39 -7.25
C VAL D 6 32.97 24.06 -7.62
N LEU D 7 31.87 23.39 -7.33
CA LEU D 7 30.56 23.98 -7.47
C LEU D 7 30.43 25.18 -6.58
N ILE D 8 29.83 26.23 -7.14
CA ILE D 8 29.46 27.44 -6.40
C ILE D 8 27.94 27.50 -6.24
N TYR D 9 27.49 27.85 -5.05
CA TYR D 9 26.11 28.15 -4.74
C TYR D 9 25.64 29.31 -5.62
N PRO D 10 24.42 29.24 -6.15
CA PRO D 10 23.49 28.13 -6.02
C PRO D 10 23.81 27.01 -6.99
N ASP D 11 23.56 25.79 -6.56
CA ASP D 11 23.65 24.63 -7.41
C ASP D 11 22.95 23.48 -6.69
N ASP D 12 22.10 22.77 -7.41
CA ASP D 12 21.33 21.64 -6.90
C ASP D 12 22.13 20.57 -6.22
N HIS D 13 23.28 20.23 -6.79
CA HIS D 13 24.16 19.23 -6.19
C HIS D 13 24.89 19.66 -4.92
N LEU D 14 24.71 20.92 -4.51
CA LEU D 14 25.14 21.41 -3.22
C LEU D 14 24.00 21.23 -2.16
N LYS D 15 22.80 20.91 -2.63
CA LYS D 15 21.62 20.71 -1.77
C LYS D 15 21.16 19.26 -1.60
N VAL D 16 21.88 18.33 -2.22
CA VAL D 16 21.52 16.91 -2.26
C VAL D 16 22.15 16.12 -1.11
N VAL D 17 21.33 15.29 -0.48
CA VAL D 17 21.73 14.37 0.57
C VAL D 17 22.45 13.19 -0.10
N CYS D 18 23.72 12.98 0.20
CA CYS D 18 24.53 12.08 -0.63
C CYS D 18 24.39 10.60 -0.24
N GLU D 19 24.54 9.75 -1.23
CA GLU D 19 24.55 8.30 -1.08
C GLU D 19 25.78 7.87 -0.28
N PRO D 20 25.61 6.90 0.57
CA PRO D 20 26.80 6.40 1.22
C PRO D 20 27.69 5.63 0.20
N VAL D 21 28.99 5.59 0.46
CA VAL D 21 29.91 4.85 -0.32
C VAL D 21 29.60 3.40 -0.08
N THR D 22 29.40 2.64 -1.14
CA THR D 22 29.13 1.19 -0.96
C THR D 22 30.42 0.41 -0.61
N GLU D 23 31.50 0.77 -1.31
CA GLU D 23 32.77 0.08 -1.17
C GLU D 23 33.99 1.03 -1.37
N VAL D 24 34.83 1.15 -0.34
CA VAL D 24 36.00 2.01 -0.41
C VAL D 24 37.09 1.27 -1.15
N ASN D 25 37.17 1.49 -2.45
CA ASN D 25 38.10 0.78 -3.30
C ASN D 25 39.06 1.78 -3.93
N ASP D 26 39.78 1.33 -4.97
CA ASP D 26 40.72 2.21 -5.71
C ASP D 26 40.05 3.47 -6.27
N ALA D 27 38.96 3.30 -7.04
CA ALA D 27 38.18 4.46 -7.56
C ALA D 27 37.80 5.52 -6.48
N ILE D 28 37.37 5.03 -5.32
CA ILE D 28 37.06 5.92 -4.23
C ILE D 28 38.34 6.64 -3.75
N ARG D 29 39.42 5.89 -3.57
CA ARG D 29 40.70 6.43 -3.10
C ARG D 29 41.31 7.44 -4.05
N LYS D 30 41.13 7.24 -5.34
CA LYS D 30 41.46 8.31 -6.29
C LYS D 30 40.59 9.56 -6.07
N ILE D 31 39.29 9.36 -5.83
CA ILE D 31 38.43 10.51 -5.55
C ILE D 31 38.94 11.22 -4.31
N VAL D 32 39.34 10.45 -3.30
CA VAL D 32 39.91 11.04 -2.07
C VAL D 32 41.19 11.87 -2.32
N ASP D 33 42.11 11.31 -3.12
CA ASP D 33 43.37 12.01 -3.44
C ASP D 33 43.12 13.23 -4.32
N ASP D 34 42.24 13.10 -5.30
CA ASP D 34 41.82 14.24 -6.11
C ASP D 34 41.17 15.32 -5.27
N MET D 35 40.44 14.93 -4.23
CA MET D 35 39.79 15.91 -3.34
C MET D 35 40.84 16.65 -2.54
N PHE D 36 41.79 15.90 -1.98
CA PHE D 36 42.89 16.50 -1.22
C PHE D 36 43.61 17.53 -2.08
N ASP D 37 43.89 17.16 -3.32
CA ASP D 37 44.57 18.09 -4.22
C ASP D 37 43.81 19.41 -4.35
N THR D 38 42.56 19.31 -4.77
CA THR D 38 41.68 20.46 -4.93
C THR D 38 41.60 21.26 -3.65
N MET D 39 41.40 20.57 -2.55
CA MET D 39 41.30 21.22 -1.25
C MET D 39 42.57 22.06 -1.01
N TYR D 40 43.74 21.45 -1.15
CA TYR D 40 44.95 22.21 -0.90
C TYR D 40 45.12 23.31 -1.91
N GLN D 41 44.92 23.03 -3.20
CA GLN D 41 44.98 24.09 -4.18
C GLN D 41 44.14 25.30 -3.73
N GLU D 42 42.95 25.06 -3.18
CA GLU D 42 42.04 26.15 -2.83
C GLU D 42 42.22 26.66 -1.41
N LYS D 43 43.21 26.17 -0.70
CA LYS D 43 43.44 26.59 0.67
C LYS D 43 42.22 26.30 1.56
N GLY D 44 41.61 25.15 1.33
CA GLY D 44 40.59 24.65 2.23
C GLY D 44 41.19 23.82 3.35
N ILE D 45 40.51 23.80 4.48
CA ILE D 45 40.88 22.95 5.58
C ILE D 45 40.01 21.72 5.67
N GLY D 46 38.94 21.72 4.86
CA GLY D 46 38.11 20.57 4.62
C GLY D 46 37.44 20.67 3.25
N LEU D 47 36.98 19.52 2.74
CA LEU D 47 36.25 19.45 1.49
C LEU D 47 35.27 18.27 1.56
N ALA D 48 34.04 18.46 1.08
CA ALA D 48 33.09 17.38 0.96
C ALA D 48 32.87 17.04 -0.50
N ALA D 49 32.71 15.76 -0.80
CA ALA D 49 32.51 15.31 -2.16
C ALA D 49 31.48 16.08 -3.02
N PRO D 50 30.26 16.32 -2.53
CA PRO D 50 29.30 17.08 -3.38
C PRO D 50 29.78 18.42 -3.85
N GLN D 51 30.69 19.04 -3.10
CA GLN D 51 31.29 20.36 -3.50
C GLN D 51 32.07 20.27 -4.79
N VAL D 52 32.42 19.06 -5.21
CA VAL D 52 33.06 18.80 -6.46
C VAL D 52 32.19 17.87 -7.28
N ASP D 53 30.88 17.94 -7.04
CA ASP D 53 29.89 17.25 -7.89
C ASP D 53 29.95 15.74 -7.84
N ILE D 54 30.31 15.18 -6.71
CA ILE D 54 30.30 13.74 -6.51
C ILE D 54 29.35 13.49 -5.36
N LEU D 55 28.21 12.87 -5.64
CA LEU D 55 27.13 12.76 -4.66
C LEU D 55 27.29 11.56 -3.77
N GLN D 56 28.40 11.52 -3.05
CA GLN D 56 28.74 10.42 -2.13
C GLN D 56 29.22 10.96 -0.79
N ARG D 57 29.16 10.13 0.25
CA ARG D 57 29.45 10.62 1.58
C ARG D 57 30.94 10.43 1.82
N ILE D 58 31.73 11.38 1.33
CA ILE D 58 33.19 11.33 1.46
C ILE D 58 33.71 12.72 1.83
N ILE D 59 34.47 12.81 2.92
CA ILE D 59 35.03 14.09 3.40
C ILE D 59 36.53 13.99 3.60
N THR D 60 37.27 15.00 3.13
CA THR D 60 38.69 15.11 3.41
C THR D 60 38.89 16.34 4.27
N ILE D 61 39.72 16.18 5.31
CA ILE D 61 40.03 17.28 6.21
C ILE D 61 41.54 17.36 6.50
N ASP D 62 42.02 18.59 6.67
CA ASP D 62 43.38 18.85 7.13
C ASP D 62 43.39 20.26 7.70
N VAL D 63 43.24 20.34 9.01
CA VAL D 63 43.03 21.59 9.67
C VAL D 63 44.26 22.44 9.51
N GLU D 64 45.39 21.90 9.93
CA GLU D 64 46.64 22.64 9.95
C GLU D 64 47.22 22.81 8.52
N GLY D 65 46.71 22.06 7.54
CA GLY D 65 46.97 22.35 6.13
C GLY D 65 48.34 22.05 5.58
N ASP D 66 48.97 20.96 6.04
CA ASP D 66 50.35 20.61 5.66
C ASP D 66 50.61 19.09 5.66
N LYS D 67 49.59 18.33 5.26
CA LYS D 67 49.66 16.89 5.14
C LYS D 67 50.07 16.24 6.47
N GLN D 68 49.82 16.99 7.54
CA GLN D 68 50.04 16.50 8.88
C GLN D 68 48.90 15.56 9.28
N ASN D 69 47.86 16.14 9.90
CA ASN D 69 46.74 15.38 10.41
C ASN D 69 45.63 15.35 9.36
N GLN D 70 45.86 14.56 8.31
CA GLN D 70 44.89 14.34 7.24
C GLN D 70 43.84 13.32 7.67
N PHE D 71 42.58 13.77 7.81
CA PHE D 71 41.46 12.86 8.01
C PHE D 71 40.70 12.65 6.72
N VAL D 72 40.34 11.39 6.51
CA VAL D 72 39.38 10.98 5.55
C VAL D 72 38.19 10.46 6.36
N LEU D 73 36.99 10.96 6.06
CA LEU D 73 35.76 10.50 6.68
C LEU D 73 34.78 10.09 5.61
N ILE D 74 34.60 8.77 5.49
CA ILE D 74 33.68 8.18 4.54
C ILE D 74 32.51 7.60 5.30
N ASN D 75 31.31 7.73 4.77
CA ASN D 75 30.10 7.43 5.52
C ASN D 75 30.20 7.73 7.00
N PRO D 76 30.47 9.00 7.32
CA PRO D 76 30.60 9.38 8.71
C PRO D 76 29.25 9.49 9.42
N GLU D 77 29.21 9.27 10.73
CA GLU D 77 28.06 9.67 11.56
C GLU D 77 28.51 10.25 12.88
N ILE D 78 27.94 11.40 13.28
CA ILE D 78 28.09 11.91 14.63
C ILE D 78 27.35 10.93 15.54
N LEU D 79 28.03 10.36 16.52
CA LEU D 79 27.40 9.40 17.46
C LEU D 79 26.99 10.12 18.75
N ALA D 80 27.79 11.10 19.12
CA ALA D 80 27.59 11.85 20.32
C ALA D 80 28.21 13.23 20.16
N SER D 81 27.58 14.23 20.79
CA SER D 81 28.14 15.56 20.82
C SER D 81 27.81 16.24 22.13
N GLU D 82 28.48 17.35 22.36
CA GLU D 82 28.22 18.15 23.56
C GLU D 82 28.88 19.53 23.41
N GLY D 83 28.39 20.49 24.19
CA GLY D 83 28.98 21.81 24.21
C GLY D 83 28.32 22.65 23.14
N GLU D 84 28.65 23.94 23.20
CA GLU D 84 28.05 24.90 22.34
C GLU D 84 29.22 25.76 21.91
N THR D 85 29.27 26.11 20.63
CA THR D 85 30.33 27.00 20.15
C THR D 85 29.84 27.57 18.83
N GLY D 86 30.69 28.33 18.17
CA GLY D 86 30.35 28.93 16.89
C GLY D 86 31.36 29.97 16.48
N ILE D 87 32.03 29.73 15.36
CA ILE D 87 32.99 30.66 14.81
CA ILE D 87 32.96 30.70 14.80
C ILE D 87 32.37 31.18 13.50
N GLU D 88 32.94 32.26 12.98
CA GLU D 88 32.57 32.78 11.68
C GLU D 88 33.08 31.82 10.61
N GLU D 89 32.17 31.19 9.87
CA GLU D 89 32.56 30.19 8.86
C GLU D 89 32.43 30.70 7.43
N GLY D 90 33.44 30.38 6.61
CA GLY D 90 33.38 30.59 5.17
C GLY D 90 33.35 29.25 4.49
N CYS D 91 33.05 29.23 3.19
CA CYS D 91 32.92 28.00 2.39
C CYS D 91 33.50 28.20 1.02
N LEU D 92 34.24 27.22 0.51
CA LEU D 92 34.75 27.29 -0.87
C LEU D 92 33.61 27.33 -1.90
N SER D 93 32.45 26.80 -1.52
CA SER D 93 31.29 26.80 -2.40
C SER D 93 30.50 28.05 -2.19
N ILE D 94 30.94 28.93 -1.30
CA ILE D 94 30.23 30.21 -1.11
C ILE D 94 31.25 31.30 -0.93
N PRO D 95 31.91 31.64 -2.01
CA PRO D 95 33.10 32.45 -1.84
C PRO D 95 32.75 33.88 -1.58
N GLY D 96 33.42 34.44 -0.58
CA GLY D 96 33.28 35.82 -0.23
C GLY D 96 32.34 36.07 0.92
N PHE D 97 31.76 35.00 1.51
CA PHE D 97 30.84 35.17 2.65
C PHE D 97 31.22 34.37 3.89
N ARG D 98 30.76 34.89 5.03
CA ARG D 98 30.98 34.35 6.36
C ARG D 98 29.69 34.40 7.11
N ALA D 99 29.59 33.58 8.13
CA ALA D 99 28.39 33.49 8.96
C ALA D 99 28.75 32.80 10.25
N LEU D 100 28.16 33.27 11.34
CA LEU D 100 28.39 32.69 12.65
C LEU D 100 27.45 31.49 12.65
N VAL D 101 27.98 30.31 12.83
CA VAL D 101 27.14 29.11 12.79
C VAL D 101 27.19 28.42 14.17
N PRO D 102 26.03 28.19 14.79
CA PRO D 102 26.09 27.49 16.07
C PRO D 102 26.42 26.02 15.84
N ARG D 103 27.48 25.52 16.48
CA ARG D 103 27.93 24.14 16.35
C ARG D 103 28.09 23.53 17.74
N LYS D 104 28.37 22.24 17.79
CA LYS D 104 28.62 21.59 19.06
C LYS D 104 30.10 21.78 19.29
N GLU D 105 30.55 22.03 20.51
CA GLU D 105 32.01 22.15 20.72
C GLU D 105 32.79 20.86 20.48
N LYS D 106 32.21 19.75 20.93
CA LYS D 106 32.87 18.46 20.96
C LYS D 106 32.03 17.45 20.24
N VAL D 107 32.68 16.61 19.44
CA VAL D 107 31.98 15.63 18.62
CA VAL D 107 31.97 15.60 18.65
C VAL D 107 32.77 14.30 18.59
N THR D 108 32.04 13.19 18.55
CA THR D 108 32.60 11.85 18.49
C THR D 108 32.00 11.26 17.23
N VAL D 109 32.85 10.87 16.29
CA VAL D 109 32.42 10.44 14.94
C VAL D 109 32.95 9.05 14.53
N ARG D 110 32.10 8.28 13.87
CA ARG D 110 32.45 6.99 13.31
C ARG D 110 32.45 7.18 11.81
N ALA D 111 33.35 6.48 11.12
CA ALA D 111 33.50 6.61 9.71
C ALA D 111 34.52 5.62 9.20
N LEU D 112 34.53 5.40 7.89
CA LEU D 112 35.54 4.58 7.25
C LEU D 112 36.70 5.45 6.81
N ASP D 113 37.94 5.00 7.07
CA ASP D 113 39.15 5.70 6.53
C ASP D 113 39.38 5.34 5.05
N ARG D 114 40.42 5.91 4.46
CA ARG D 114 40.66 5.66 3.05
C ARG D 114 40.91 4.18 2.66
N ASP D 115 41.29 3.32 3.61
CA ASP D 115 41.44 1.89 3.32
C ASP D 115 40.19 1.07 3.71
N GLY D 116 39.15 1.74 4.19
CA GLY D 116 37.85 1.08 4.38
C GLY D 116 37.64 0.54 5.78
N LYS D 117 38.54 0.89 6.70
CA LYS D 117 38.52 0.43 8.08
C LYS D 117 37.71 1.42 8.91
N GLU D 118 36.73 0.94 9.66
CA GLU D 118 35.99 1.83 10.54
C GLU D 118 36.93 2.48 11.60
N PHE D 119 36.67 3.73 11.96
CA PHE D 119 37.33 4.33 13.11
C PHE D 119 36.39 5.31 13.80
N THR D 120 36.73 5.61 15.04
CA THR D 120 35.96 6.52 15.85
C THR D 120 36.89 7.58 16.42
N LEU D 121 36.45 8.84 16.34
CA LEU D 121 37.33 9.96 16.59
C LEU D 121 36.64 10.96 17.46
N ASP D 122 37.31 11.41 18.51
CA ASP D 122 36.78 12.51 19.34
C ASP D 122 37.45 13.78 18.91
N ALA D 123 36.68 14.85 18.69
CA ALA D 123 37.24 16.09 18.19
C ALA D 123 36.63 17.27 18.94
N ASP D 124 37.39 18.35 19.03
CA ASP D 124 36.86 19.62 19.51
C ASP D 124 37.49 20.76 18.73
N GLY D 125 37.24 22.00 19.19
CA GLY D 125 37.79 23.20 18.58
C GLY D 125 37.48 23.28 17.10
N LEU D 126 38.55 23.45 16.31
CA LEU D 126 38.40 23.70 14.90
C LEU D 126 38.06 22.41 14.17
N LEU D 127 38.69 21.30 14.56
CA LEU D 127 38.41 19.99 13.95
C LEU D 127 36.91 19.68 14.05
N ALA D 128 36.38 19.80 15.27
CA ALA D 128 34.98 19.49 15.52
C ALA D 128 34.07 20.32 14.58
N ILE D 129 34.38 21.61 14.44
CA ILE D 129 33.58 22.53 13.64
C ILE D 129 33.70 22.21 12.18
N CYS D 130 34.93 22.02 11.73
CA CYS D 130 35.16 21.56 10.37
C CYS D 130 34.46 20.23 10.08
N ILE D 131 34.42 19.31 11.03
CA ILE D 131 33.75 18.05 10.77
C ILE D 131 32.25 18.34 10.51
N GLN D 132 31.66 19.18 11.34
CA GLN D 132 30.25 19.51 11.25
C GLN D 132 29.87 20.28 9.97
N HIS D 133 30.67 21.26 9.61
CA HIS D 133 30.57 21.96 8.34
C HIS D 133 30.58 20.91 7.21
N GLU D 134 31.47 19.93 7.29
CA GLU D 134 31.58 19.01 6.17
C GLU D 134 30.41 18.02 6.08
N ILE D 135 29.94 17.55 7.23
CA ILE D 135 28.80 16.65 7.24
C ILE D 135 27.47 17.32 6.77
N ASP D 136 27.29 18.58 7.10
CA ASP D 136 26.18 19.31 6.57
C ASP D 136 26.24 19.19 5.06
N HIS D 137 27.42 19.36 4.45
CA HIS D 137 27.54 19.27 2.99
C HIS D 137 26.95 17.99 2.47
N LEU D 138 27.21 16.91 3.22
CA LEU D 138 26.82 15.58 2.78
C LEU D 138 25.32 15.40 2.81
N ASN D 139 24.67 16.24 3.60
CA ASN D 139 23.24 16.29 3.71
C ASN D 139 22.62 17.50 3.02
N GLY D 140 23.40 18.12 2.15
CA GLY D 140 22.93 19.23 1.35
C GLY D 140 22.62 20.51 2.12
N ILE D 141 23.23 20.66 3.28
CA ILE D 141 23.12 21.84 4.10
C ILE D 141 24.38 22.70 3.99
N LEU D 142 24.18 23.98 3.70
CA LEU D 142 25.26 24.95 3.70
C LEU D 142 25.11 25.91 4.88
N PHE D 143 26.14 26.73 5.09
CA PHE D 143 26.12 27.64 6.21
C PHE D 143 25.05 28.71 6.02
N VAL D 144 24.82 29.11 4.79
CA VAL D 144 23.73 30.02 4.53
C VAL D 144 22.40 29.52 5.06
N ASP D 145 22.24 28.20 5.26
CA ASP D 145 20.96 27.66 5.71
C ASP D 145 20.69 28.00 7.13
N TYR D 146 21.69 28.48 7.85
CA TYR D 146 21.47 29.01 9.20
C TYR D 146 21.13 30.51 9.23
N LEU D 147 21.13 31.17 8.10
CA LEU D 147 20.76 32.56 8.04
C LEU D 147 19.26 32.69 7.87
N SER D 148 18.79 33.93 7.85
CA SER D 148 17.42 34.24 7.48
C SER D 148 17.29 33.96 6.01
N PRO D 149 16.11 33.57 5.59
CA PRO D 149 15.84 33.36 4.17
C PRO D 149 16.17 34.59 3.34
N LEU D 150 15.99 35.76 3.94
CA LEU D 150 16.29 37.01 3.27
C LEU D 150 17.80 37.20 3.07
N LYS D 151 18.60 37.03 4.13
CA LYS D 151 20.07 37.12 4.02
C LYS D 151 20.63 36.16 2.98
N ARG D 152 20.24 34.88 3.12
CA ARG D 152 20.60 33.83 2.17
C ARG D 152 20.25 34.21 0.74
N GLN D 153 19.02 34.68 0.54
CA GLN D 153 18.64 35.15 -0.80
C GLN D 153 19.66 36.18 -1.35
N ARG D 154 20.08 37.13 -0.51
CA ARG D 154 20.94 38.22 -1.02
C ARG D 154 22.31 37.73 -1.40
N ILE D 155 22.80 36.77 -0.61
CA ILE D 155 24.03 36.05 -0.93
C ILE D 155 23.90 35.37 -2.29
N LYS D 156 22.78 34.73 -2.53
CA LYS D 156 22.53 33.94 -3.71
C LYS D 156 22.60 34.79 -4.94
N GLU D 157 21.88 35.92 -4.91
CA GLU D 157 21.85 36.85 -6.02
C GLU D 157 23.28 37.26 -6.41
N LYS D 158 24.10 37.50 -5.40
CA LYS D 158 25.44 38.00 -5.62
C LYS D 158 26.34 36.96 -6.24
N LEU D 159 26.10 35.73 -5.87
CA LEU D 159 26.95 34.64 -6.33
C LEU D 159 26.55 34.23 -7.74
N ILE D 160 25.26 34.34 -8.04
CA ILE D 160 24.80 34.25 -9.43
C ILE D 160 25.57 35.23 -10.31
N LYS D 161 25.67 36.48 -9.87
CA LYS D 161 26.41 37.45 -10.65
C LYS D 161 27.83 36.93 -10.85
N TYR D 162 28.48 36.54 -9.76
CA TYR D 162 29.87 36.14 -9.81
C TYR D 162 30.07 34.93 -10.77
N LYS D 163 29.09 34.05 -10.85
CA LYS D 163 29.24 32.90 -11.72
C LYS D 163 29.09 33.24 -13.21
N LYS D 164 28.20 34.12 -13.62
CA LYS D 164 28.25 34.53 -15.03
C LYS D 164 29.56 35.28 -15.26
N GLN D 165 29.90 36.18 -14.34
CA GLN D 165 31.16 36.94 -14.43
C GLN D 165 32.41 36.07 -14.55
N ILE D 166 32.46 34.88 -13.95
CA ILE D 166 33.74 34.17 -13.96
C ILE D 166 33.93 33.40 -15.26
NI NI E . 6.97 8.36 -0.09
C5 BB2 F . 2.75 7.53 -0.36
C3 BB2 F . 4.08 8.26 -0.56
O4 BB2 F . 4.70 8.10 -1.61
N1 BB2 F . 4.51 9.04 0.45
O2 BB2 F . 5.74 9.66 0.38
C6 BB2 F . 2.91 6.20 0.38
C12 BB2 F . 1.71 5.32 0.12
O13 BB2 F . 0.59 5.82 0.02
C7 BB2 F . 3.10 6.45 1.87
C8 BB2 F . 3.72 5.25 2.53
C9 BB2 F . 3.04 5.06 3.86
C10 BB2 F . 3.49 3.80 4.52
C11 BB2 F . 3.33 2.67 3.54
N14 BB2 F . 1.98 4.01 -0.07
C15 BB2 F . 1.08 3.03 -0.63
C16 BB2 F . 1.14 3.18 -2.17
C18 BB2 F . 1.17 1.89 -3.00
C17 BB2 F . 0.00 4.02 -2.71
C19 BB2 F . 1.60 1.71 -0.14
O20 BB2 F . 2.44 1.14 -0.82
N21 BB2 F . 1.19 1.19 1.03
C22 BB2 F . 2.07 0.38 1.90
C23 BB2 F . -0.16 1.21 1.57
C24 BB2 F . -0.14 0.38 2.84
C25 BB2 F . 1.29 0.10 3.19
C26 BB2 F . 2.36 -0.94 1.18
O27 BB2 F . 2.24 -2.02 2.10
NI NI G . -31.11 -24.22 -5.04
C5 BB2 H . -35.52 -25.42 -4.82
C3 BB2 H . -34.29 -24.60 -5.21
O4 BB2 H . -34.05 -24.49 -6.39
N1 BB2 H . -33.55 -24.03 -4.23
O2 BB2 H . -32.43 -23.23 -4.47
C6 BB2 H . -35.21 -26.86 -4.37
C12 BB2 H . -36.32 -27.82 -4.77
O13 BB2 H . -37.34 -27.84 -4.10
C7 BB2 H . -34.98 -26.84 -2.85
C8 BB2 H . -33.70 -27.56 -2.48
C9 BB2 H . -33.34 -27.14 -1.09
C10 BB2 H . -32.48 -28.28 -0.57
C11 BB2 H . -33.32 -29.35 0.07
N14 BB2 H . -36.07 -28.64 -5.84
C15 BB2 H . -36.96 -29.72 -6.29
C16 BB2 H . -37.37 -29.63 -7.79
C18 BB2 H . -36.23 -29.71 -8.82
C17 BB2 H . -38.44 -30.68 -8.16
C19 BB2 H . -36.28 -31.02 -5.90
O20 BB2 H . -35.83 -31.77 -6.75
N21 BB2 H . -36.25 -31.28 -4.59
C22 BB2 H . -35.26 -30.75 -3.65
C23 BB2 H . -37.26 -32.05 -3.90
C24 BB2 H . -37.45 -31.18 -2.66
C25 BB2 H . -36.20 -30.33 -2.53
C26 BB2 H . -34.34 -31.76 -2.95
O27 BB2 H . -33.48 -31.11 -2.00
NI NI I . -8.49 -6.56 -4.11
C5 BB2 J . -4.27 -5.39 -4.96
C3 BB2 J . -5.70 -5.93 -5.14
O4 BB2 J . -6.59 -5.19 -5.53
N1 BB2 J . -5.91 -7.22 -4.82
O2 BB2 J . -7.20 -7.74 -4.85
C6 BB2 J . -4.01 -4.96 -3.50
C12 BB2 J . -2.95 -3.90 -3.34
O13 BB2 J . -1.91 -3.98 -4.00
C7 BB2 J . -3.58 -6.12 -2.63
C8 BB2 J . -4.45 -6.03 -1.43
C9 BB2 J . -4.00 -7.09 -0.50
C10 BB2 J . -4.02 -6.47 0.87
C11 BB2 J . -2.78 -5.63 1.04
N14 BB2 J . -3.29 -2.91 -2.47
C15 BB2 J . -2.55 -1.68 -2.21
C16 BB2 J . -2.89 -0.67 -3.34
C18 BB2 J . -3.30 0.77 -2.96
C17 BB2 J . -1.74 -0.55 -4.31
C19 BB2 J . -2.90 -1.22 -0.80
O20 BB2 J . -3.72 -0.32 -0.68
N21 BB2 J . -2.31 -1.79 0.28
C22 BB2 J . -2.99 -1.98 1.57
C23 BB2 J . -0.93 -2.22 0.38
C24 BB2 J . -0.75 -2.87 1.75
C25 BB2 J . -2.05 -2.72 2.51
C26 BB2 J . -3.28 -0.55 2.09
O27 BB2 J . -2.72 -0.28 3.37
NI NI K . 31.88 24.23 2.74
C5 BB2 L . 36.12 24.47 3.14
C3 BB2 L . 34.71 24.11 2.66
O4 BB2 L . 34.04 24.90 1.98
N1 BB2 L . 34.21 22.95 3.08
O2 BB2 L . 32.87 22.65 2.81
C6 BB2 L . 36.01 25.42 4.33
C12 BB2 L . 37.21 26.34 4.41
O13 BB2 L . 38.33 25.86 4.47
C7 BB2 L . 35.84 24.57 5.58
C8 BB2 L . 35.49 25.38 6.83
C9 BB2 L . 35.54 24.51 8.09
C10 BB2 L . 34.81 25.14 9.28
C11 BB2 L . 35.35 26.52 9.64
N14 BB2 L . 37.01 27.66 4.43
C15 BB2 L . 38.09 28.64 4.59
C16 BB2 L . 38.10 29.62 3.39
C18 BB2 L . 37.72 31.06 3.71
C17 BB2 L . 39.46 29.60 2.69
C19 BB2 L . 37.99 29.29 5.96
O20 BB2 L . 36.95 29.83 6.28
N21 BB2 L . 39.08 29.18 6.78
C22 BB2 L . 39.00 29.26 8.27
C23 BB2 L . 40.48 28.91 6.36
C24 BB2 L . 41.35 29.10 7.60
C25 BB2 L . 40.44 29.41 8.76
C26 BB2 L . 38.16 30.45 8.74
O27 BB2 L . 36.81 30.00 8.96
#